data_3MDR
#
_entry.id   3MDR
#
_cell.length_a   121.190
_cell.length_b   121.190
_cell.length_c   143.990
_cell.angle_alpha   90.000
_cell.angle_beta   90.000
_cell.angle_gamma   90.000
#
_symmetry.space_group_name_H-M   'I 41'
#
loop_
_entity.id
_entity.type
_entity.pdbx_description
1 polymer 'Cholesterol 24-hydroxylase'
2 non-polymer 'PROTOPORPHYRIN IX CONTAINING FE'
3 non-polymer (1R,2S)-2-phenylcyclopropanamine
4 water water
#
_entity_poly.entity_id   1
_entity_poly.type   'polypeptide(L)'
_entity_poly.pdbx_seq_one_letter_code
;MAKKDEVGGRVLQDVFLDWAKKYGPVVRVNVFHKTSVIVTSPESVKKFLMSTKYNKDSKMYRALQTVFGERLFGQGLVSE
CNYERWHKQRRVIDLAFSRSSLVSLMETFNEKAEQLVEILEAKADGQTPVSMQDMLTYTAMDILAKAAFGMETSMLLGAQ
KPLSQAVKLMLEGITASRNTLAKFLPGKRKQLREVRESIRFLRQVGRDWVQRRREALKRGEEVPADILTQILKAEEGAQD
DEGLLDNFVTFFIAGHETSANHLAFTVMELSRQPEIVARLQAEVDEVIGSKRYLDFEDLGRLQYLSQVLKESLRLYPPAW
GTFRLLEEETLIDGVRVPGNTPLLFSTYVMGRMDTYFEDPLTFNPDRFGPGAPKPRFTYFPFSLGHRSCIGQQFAQMEVK
VVMAKLLQRLEFRLVPGQRFGLQEQATLKPLDPVLCTLRPRGWQPAPPPPPCHHHH
;
_entity_poly.pdbx_strand_id   A,B
#
loop_
_chem_comp.id
_chem_comp.type
_chem_comp.name
_chem_comp.formula
GJZ non-polymer (1R,2S)-2-phenylcyclopropanamine 'C9 H11 N'
HEM non-polymer 'PROTOPORPHYRIN IX CONTAINING FE' 'C34 H32 Fe N4 O4'
#
# COMPACT_ATOMS: atom_id res chain seq x y z
N ARG A 10 14.30 18.78 16.13
CA ARG A 10 12.81 18.58 15.99
C ARG A 10 12.06 19.75 15.34
N VAL A 11 11.51 19.52 14.15
CA VAL A 11 10.76 20.53 13.41
C VAL A 11 9.25 20.41 13.62
N LEU A 12 8.50 21.37 13.10
CA LEU A 12 7.03 21.33 13.18
C LEU A 12 6.41 20.08 12.55
N GLN A 13 6.99 19.62 11.44
CA GLN A 13 6.58 18.36 10.80
C GLN A 13 6.65 17.12 11.72
N ASP A 14 7.69 17.04 12.55
CA ASP A 14 7.79 15.97 13.54
C ASP A 14 6.65 15.96 14.54
N VAL A 15 6.12 17.16 14.83
CA VAL A 15 4.98 17.30 15.75
C VAL A 15 3.73 16.79 15.04
N PHE A 16 3.64 17.13 13.76
CA PHE A 16 2.53 16.68 12.97
C PHE A 16 2.51 15.18 12.84
N LEU A 17 3.68 14.57 12.77
CA LEU A 17 3.81 13.14 12.70
C LEU A 17 3.29 12.44 13.99
N ASP A 18 3.71 12.94 15.14
CA ASP A 18 3.20 12.45 16.42
C ASP A 18 1.66 12.48 16.43
N TRP A 19 1.07 13.58 15.95
CA TRP A 19 -0.38 13.70 15.98
C TRP A 19 -1.08 12.83 14.93
N ALA A 20 -0.45 12.67 13.77
CA ALA A 20 -0.98 11.74 12.74
C ALA A 20 -1.02 10.35 13.35
N LYS A 21 0.04 9.98 14.05
CA LYS A 21 0.13 8.66 14.66
C LYS A 21 -0.87 8.46 15.80
N LYS A 22 -0.96 9.45 16.67
CA LYS A 22 -1.85 9.38 17.84
C LYS A 22 -3.33 9.59 17.55
N TYR A 23 -3.65 10.51 16.64
CA TYR A 23 -5.02 10.98 16.46
C TYR A 23 -5.64 10.66 15.12
N GLY A 24 -4.89 9.96 14.27
CA GLY A 24 -5.48 9.29 13.10
C GLY A 24 -5.29 10.02 11.80
N PRO A 25 -6.01 9.57 10.77
CA PRO A 25 -5.80 10.01 9.39
C PRO A 25 -6.35 11.38 9.01
N VAL A 26 -7.10 12.02 9.91
CA VAL A 26 -7.61 13.38 9.73
C VAL A 26 -7.44 14.23 11.02
N VAL A 27 -6.62 15.28 10.98
CA VAL A 27 -6.26 16.01 12.22
C VAL A 27 -6.14 17.53 12.02
N ARG A 28 -6.97 18.28 12.74
CA ARG A 28 -6.93 19.75 12.65
C ARG A 28 -5.68 20.30 13.34
N VAL A 29 -4.91 21.08 12.59
CA VAL A 29 -3.68 21.64 13.10
C VAL A 29 -3.54 23.10 12.72
N ASN A 30 -2.68 23.79 13.45
CA ASN A 30 -2.23 25.11 13.07
C ASN A 30 -0.88 25.08 12.35
N VAL A 31 -0.83 25.61 11.13
CA VAL A 31 0.40 25.69 10.35
C VAL A 31 0.50 27.09 9.72
N PHE A 32 1.69 27.67 9.78
CA PHE A 32 1.93 29.04 9.29
C PHE A 32 0.88 29.97 9.92
N HIS A 33 0.65 29.76 11.21
CA HIS A 33 -0.43 30.43 11.97
C HIS A 33 -1.84 30.44 11.31
N LYS A 34 -2.16 29.38 10.59
CA LYS A 34 -3.49 29.24 9.98
C LYS A 34 -4.07 27.84 10.23
N THR A 35 -5.38 27.73 10.37
CA THR A 35 -6.03 26.45 10.62
C THR A 35 -6.06 25.60 9.36
N SER A 36 -5.88 24.30 9.53
CA SER A 36 -5.76 23.36 8.43
C SER A 36 -6.04 21.97 8.98
N VAL A 37 -6.37 21.04 8.09
CA VAL A 37 -6.55 19.65 8.45
C VAL A 37 -5.49 18.77 7.74
N ILE A 38 -4.59 18.16 8.52
CA ILE A 38 -3.60 17.22 7.94
C ILE A 38 -4.24 15.86 7.68
N VAL A 39 -4.11 15.41 6.42
CA VAL A 39 -4.78 14.21 5.94
C VAL A 39 -3.71 13.18 5.49
N THR A 40 -3.66 12.03 6.16
CA THR A 40 -2.51 11.12 6.01
C THR A 40 -2.81 9.71 5.56
N SER A 41 -4.00 9.48 5.02
CA SER A 41 -4.31 8.16 4.44
C SER A 41 -3.92 8.22 2.96
N PRO A 42 -3.40 7.12 2.43
CA PRO A 42 -3.05 7.06 1.00
C PRO A 42 -4.27 7.27 0.12
N GLU A 43 -5.44 6.82 0.57
CA GLU A 43 -6.67 7.00 -0.24
C GLU A 43 -7.04 8.48 -0.41
N SER A 44 -6.87 9.26 0.65
CA SER A 44 -7.05 10.72 0.55
C SER A 44 -6.00 11.47 -0.29
N VAL A 45 -4.75 11.01 -0.24
CA VAL A 45 -3.71 11.58 -1.08
C VAL A 45 -4.10 11.35 -2.55
N LYS A 46 -4.58 10.15 -2.86
CA LYS A 46 -4.94 9.82 -4.21
C LYS A 46 -6.16 10.65 -4.67
N LYS A 47 -7.10 10.85 -3.75
CA LYS A 47 -8.35 11.56 -4.07
C LYS A 47 -8.17 13.06 -4.35
N PHE A 48 -7.35 13.72 -3.54
CA PHE A 48 -7.22 15.14 -3.65
C PHE A 48 -6.10 15.67 -4.57
N LEU A 49 -5.00 14.95 -4.65
CA LEU A 49 -3.88 15.38 -5.48
C LEU A 49 -4.05 14.90 -6.94
N MET A 50 -4.67 13.74 -7.12
CA MET A 50 -4.76 13.14 -8.47
C MET A 50 -5.92 13.66 -9.37
N SER A 51 -6.66 14.65 -8.86
CA SER A 51 -7.74 15.27 -9.59
C SER A 51 -7.60 16.80 -9.69
N THR A 52 -7.74 17.32 -10.91
CA THR A 52 -7.74 18.78 -11.16
C THR A 52 -8.88 19.56 -10.50
N LYS A 53 -9.85 18.83 -9.95
CA LYS A 53 -10.94 19.45 -9.21
C LYS A 53 -10.47 20.17 -7.96
N TYR A 54 -9.35 19.72 -7.38
CA TYR A 54 -8.79 20.35 -6.19
C TYR A 54 -7.55 21.15 -6.50
N ASN A 55 -7.50 22.36 -5.97
CA ASN A 55 -6.48 23.28 -6.35
C ASN A 55 -5.85 23.82 -5.10
N LYS A 56 -4.68 24.45 -5.24
CA LYS A 56 -3.98 25.03 -4.12
C LYS A 56 -4.83 26.00 -3.34
N ASP A 57 -4.51 26.17 -2.06
CA ASP A 57 -5.18 27.12 -1.20
C ASP A 57 -4.50 28.45 -1.16
N SER A 58 -5.05 29.42 -1.89
CA SER A 58 -4.52 30.79 -1.88
C SER A 58 -4.06 31.25 -0.50
N LYS A 59 -4.89 31.02 0.52
CA LYS A 59 -4.56 31.46 1.88
C LYS A 59 -3.18 30.98 2.34
N MET A 60 -2.85 29.74 2.02
CA MET A 60 -1.62 29.12 2.51
C MET A 60 -0.36 29.52 1.74
N TYR A 61 -0.54 30.18 0.60
CA TYR A 61 0.58 30.50 -0.30
C TYR A 61 0.87 32.02 -0.36
N ARG A 62 0.06 32.78 0.38
CA ARG A 62 0.22 34.24 0.44
C ARG A 62 1.58 34.57 1.03
N ALA A 63 2.11 33.63 1.82
CA ALA A 63 3.40 33.78 2.46
C ALA A 63 4.59 33.72 1.50
N LEU A 64 4.35 33.21 0.29
CA LEU A 64 5.37 33.18 -0.76
C LEU A 64 5.09 34.31 -1.75
N GLN A 65 3.81 34.61 -1.96
CA GLN A 65 3.40 35.64 -2.91
C GLN A 65 3.98 37.03 -2.61
N THR A 66 4.05 37.37 -1.33
CA THR A 66 4.53 38.69 -0.88
C THR A 66 5.13 38.49 0.50
N VAL A 67 6.27 39.14 0.76
CA VAL A 67 6.93 38.99 2.05
C VAL A 67 7.29 40.34 2.67
N PHE A 68 6.78 40.59 3.88
CA PHE A 68 7.03 41.82 4.63
C PHE A 68 6.73 43.05 3.79
N GLY A 69 5.66 42.97 3.00
CA GLY A 69 5.25 44.06 2.13
C GLY A 69 6.10 44.25 0.90
N GLU A 70 6.63 43.14 0.37
CA GLU A 70 7.38 43.15 -0.88
C GLU A 70 6.99 41.94 -1.72
N ARG A 71 6.59 42.20 -2.96
CA ARG A 71 6.22 41.13 -3.88
C ARG A 71 7.44 40.21 -4.06
N LEU A 72 7.24 38.90 -3.94
CA LEU A 72 8.34 37.92 -4.11
C LEU A 72 8.03 36.93 -5.24
N PHE A 73 7.33 35.85 -4.92
CA PHE A 73 6.92 34.87 -5.94
C PHE A 73 5.66 35.34 -6.67
N GLY A 74 4.99 36.35 -6.10
CA GLY A 74 3.79 36.95 -6.69
C GLY A 74 2.75 35.94 -7.12
N GLN A 75 2.44 35.92 -8.42
CA GLN A 75 1.55 34.92 -8.99
C GLN A 75 2.30 34.05 -10.01
N GLY A 76 3.51 33.67 -9.64
CA GLY A 76 4.34 32.79 -10.46
C GLY A 76 3.80 31.36 -10.46
N LEU A 77 4.58 30.45 -11.04
CA LEU A 77 4.12 29.08 -11.26
C LEU A 77 3.88 28.28 -9.96
N VAL A 78 4.61 28.59 -8.89
CA VAL A 78 4.40 27.87 -7.62
C VAL A 78 3.17 28.43 -6.91
N SER A 79 3.10 29.77 -6.84
CA SER A 79 2.19 30.47 -5.95
C SER A 79 0.82 30.81 -6.55
N GLU A 80 0.68 30.65 -7.87
CA GLU A 80 -0.64 30.79 -8.52
C GLU A 80 -1.56 29.61 -8.22
N CYS A 81 -2.73 29.89 -7.66
CA CYS A 81 -3.62 28.82 -7.21
C CYS A 81 -4.85 28.60 -8.07
N ASN A 82 -5.26 29.63 -8.79
CA ASN A 82 -6.41 29.52 -9.69
C ASN A 82 -6.04 28.63 -10.86
N TYR A 83 -6.84 27.59 -11.10
CA TYR A 83 -6.51 26.58 -12.10
C TYR A 83 -6.24 27.16 -13.50
N GLU A 84 -7.28 27.65 -14.16
CA GLU A 84 -7.14 28.17 -15.54
C GLU A 84 -5.90 29.06 -15.72
N ARG A 85 -5.66 29.96 -14.77
CA ARG A 85 -4.53 30.86 -14.84
C ARG A 85 -3.18 30.12 -14.78
N TRP A 86 -3.01 29.27 -13.77
CA TRP A 86 -1.83 28.41 -13.67
C TRP A 86 -1.67 27.53 -14.91
N HIS A 87 -2.78 27.01 -15.41
CA HIS A 87 -2.75 26.11 -16.56
C HIS A 87 -2.24 26.81 -17.82
N LYS A 88 -2.50 28.11 -17.91
CA LYS A 88 -1.99 28.96 -19.00
C LYS A 88 -0.45 29.04 -19.02
N GLN A 89 0.14 29.35 -17.87
CA GLN A 89 1.61 29.34 -17.71
C GLN A 89 2.20 27.94 -17.90
N ARG A 90 1.67 26.98 -17.15
CA ARG A 90 2.24 25.61 -17.16
C ARG A 90 2.43 25.06 -18.59
N ARG A 91 1.35 25.04 -19.36
CA ARG A 91 1.37 24.58 -20.76
C ARG A 91 2.50 25.20 -21.60
N VAL A 92 2.72 26.50 -21.44
CA VAL A 92 3.80 27.21 -22.13
C VAL A 92 5.16 26.83 -21.55
N ILE A 93 5.31 26.97 -20.24
CA ILE A 93 6.61 26.65 -19.61
C ILE A 93 7.02 25.18 -19.78
N ASP A 94 6.03 24.31 -19.92
CA ASP A 94 6.27 22.88 -20.10
C ASP A 94 7.25 22.52 -21.22
N LEU A 95 7.25 23.32 -22.26
CA LEU A 95 8.08 23.10 -23.44
C LEU A 95 9.57 23.13 -23.09
N ALA A 96 9.94 24.02 -22.17
CA ALA A 96 11.31 24.11 -21.64
C ALA A 96 11.78 22.85 -20.89
N PHE A 97 10.86 21.93 -20.65
CA PHE A 97 11.17 20.70 -19.92
C PHE A 97 10.94 19.43 -20.69
N SER A 98 10.92 19.54 -22.02
CA SER A 98 10.86 18.34 -22.88
C SER A 98 12.11 17.47 -22.70
N ARG A 99 11.98 16.19 -23.04
CA ARG A 99 13.11 15.25 -23.00
C ARG A 99 14.32 15.83 -23.74
N SER A 100 14.09 16.41 -24.92
CA SER A 100 15.15 17.02 -25.70
C SER A 100 15.73 18.29 -25.08
N SER A 101 14.92 19.02 -24.31
CA SER A 101 15.40 20.24 -23.64
C SER A 101 16.35 19.90 -22.50
N LEU A 102 16.01 18.86 -21.75
CA LEU A 102 16.82 18.41 -20.61
C LEU A 102 18.12 17.76 -21.06
N VAL A 103 18.07 17.01 -22.16
CA VAL A 103 19.27 16.42 -22.75
C VAL A 103 20.31 17.50 -23.08
N SER A 104 19.83 18.67 -23.50
CA SER A 104 20.70 19.76 -23.91
C SER A 104 21.39 20.46 -22.74
N LEU A 105 21.02 20.06 -21.51
CA LEU A 105 21.52 20.68 -20.28
C LEU A 105 22.60 19.83 -19.62
N MET A 106 22.80 18.61 -20.14
CA MET A 106 23.80 17.69 -19.61
C MET A 106 25.15 18.36 -19.52
N GLU A 107 25.43 19.24 -20.47
CA GLU A 107 26.67 20.01 -20.49
C GLU A 107 26.80 20.90 -19.25
N THR A 108 25.75 21.68 -18.99
CA THR A 108 25.75 22.56 -17.81
C THR A 108 25.97 21.76 -16.53
N PHE A 109 25.21 20.68 -16.37
CA PHE A 109 25.30 19.80 -15.19
C PHE A 109 26.71 19.23 -15.03
N ASN A 110 27.29 18.76 -16.13
CA ASN A 110 28.65 18.19 -16.10
C ASN A 110 29.69 19.24 -15.72
N GLU A 111 29.59 20.41 -16.35
CA GLU A 111 30.52 21.49 -16.10
C GLU A 111 30.55 21.89 -14.62
N LYS A 112 29.38 22.27 -14.10
CA LYS A 112 29.30 22.70 -12.70
C LYS A 112 29.68 21.61 -11.72
N ALA A 113 29.28 20.38 -12.02
CA ALA A 113 29.66 19.27 -11.16
C ALA A 113 31.16 19.15 -11.12
N GLU A 114 31.81 19.33 -12.27
CA GLU A 114 33.24 19.05 -12.39
C GLU A 114 33.99 20.16 -11.71
N GLN A 115 33.49 21.37 -11.88
CA GLN A 115 34.05 22.51 -11.19
C GLN A 115 33.96 22.30 -9.67
N LEU A 116 32.77 21.92 -9.19
CA LEU A 116 32.59 21.56 -7.77
C LEU A 116 33.67 20.62 -7.27
N VAL A 117 33.87 19.50 -7.96
CA VAL A 117 34.76 18.47 -7.50
C VAL A 117 36.24 18.91 -7.38
N GLU A 118 36.70 19.70 -8.34
CA GLU A 118 38.08 20.22 -8.36
C GLU A 118 38.36 21.21 -7.23
N ILE A 119 37.36 22.02 -6.89
CA ILE A 119 37.46 22.93 -5.76
C ILE A 119 37.60 22.10 -4.51
N LEU A 120 36.71 21.13 -4.34
CA LEU A 120 36.82 20.15 -3.26
C LEU A 120 38.12 19.33 -3.26
N GLU A 121 38.58 18.88 -4.42
CA GLU A 121 39.84 18.15 -4.47
C GLU A 121 41.02 19.01 -4.02
N ALA A 122 40.95 20.31 -4.29
CA ALA A 122 41.95 21.29 -3.81
C ALA A 122 42.01 21.41 -2.28
N LYS A 123 40.90 21.08 -1.62
CA LYS A 123 40.82 21.13 -0.15
C LYS A 123 40.94 19.77 0.51
N ALA A 124 41.24 18.75 -0.28
CA ALA A 124 41.12 17.34 0.16
C ALA A 124 42.35 16.79 0.91
N ASP A 125 42.71 17.47 1.99
CA ASP A 125 43.89 17.13 2.79
C ASP A 125 43.49 16.30 4.00
N GLY A 126 42.23 16.43 4.40
CA GLY A 126 41.69 15.62 5.50
C GLY A 126 41.63 16.33 6.82
N GLN A 127 41.88 17.64 6.79
CA GLN A 127 41.86 18.45 7.98
C GLN A 127 41.23 19.82 7.72
N THR A 128 40.92 20.10 6.46
CA THR A 128 40.29 21.37 6.07
C THR A 128 38.74 21.27 6.08
N PRO A 129 38.10 21.91 7.07
CA PRO A 129 36.65 21.85 7.19
C PRO A 129 35.96 22.58 6.04
N VAL A 130 35.05 21.89 5.38
CA VAL A 130 34.32 22.44 4.25
C VAL A 130 32.84 22.20 4.48
N SER A 131 32.06 23.28 4.44
CA SER A 131 30.61 23.21 4.53
C SER A 131 30.05 22.71 3.21
N MET A 132 29.67 21.43 3.22
CA MET A 132 29.04 20.81 2.06
C MET A 132 27.67 21.43 1.73
N GLN A 133 26.99 21.92 2.75
CA GLN A 133 25.74 22.64 2.51
C GLN A 133 25.93 23.89 1.63
N ASP A 134 26.92 24.73 1.98
CA ASP A 134 27.25 25.90 1.19
C ASP A 134 27.78 25.49 -0.19
N MET A 135 28.70 24.52 -0.22
CA MET A 135 29.31 24.11 -1.49
C MET A 135 28.17 23.66 -2.44
N LEU A 136 27.30 22.78 -1.94
CA LEU A 136 26.18 22.27 -2.76
C LEU A 136 25.15 23.34 -3.16
N THR A 137 24.93 24.31 -2.26
CA THR A 137 24.19 25.52 -2.63
C THR A 137 24.74 26.35 -3.80
N TYR A 138 26.04 26.59 -3.81
CA TYR A 138 26.67 27.35 -4.93
C TYR A 138 26.55 26.57 -6.24
N THR A 139 26.80 25.26 -6.17
CA THR A 139 26.66 24.39 -7.33
C THR A 139 25.25 24.45 -7.95
N ALA A 140 24.24 24.32 -7.09
CA ALA A 140 22.84 24.26 -7.54
C ALA A 140 22.45 25.56 -8.16
N MET A 141 22.87 26.65 -7.51
CA MET A 141 22.62 27.99 -8.03
C MET A 141 23.39 28.23 -9.34
N ASP A 142 24.67 27.87 -9.38
CA ASP A 142 25.43 28.00 -10.64
C ASP A 142 24.76 27.21 -11.79
N ILE A 143 24.33 25.98 -11.52
CA ILE A 143 23.57 25.18 -12.52
C ILE A 143 22.27 25.81 -13.01
N LEU A 144 21.43 26.21 -12.05
CA LEU A 144 20.16 26.80 -12.40
C LEU A 144 20.35 28.08 -13.26
N ALA A 145 21.24 28.97 -12.81
CA ALA A 145 21.38 30.29 -13.46
C ALA A 145 21.75 30.15 -14.93
N LYS A 146 22.68 29.23 -15.22
CA LYS A 146 23.16 29.01 -16.58
C LYS A 146 22.10 28.28 -17.35
N ALA A 147 21.67 27.12 -16.84
CA ALA A 147 20.64 26.30 -17.50
C ALA A 147 19.31 27.01 -17.75
N ALA A 148 18.78 27.72 -16.75
CA ALA A 148 17.49 28.44 -16.95
C ALA A 148 17.58 29.81 -17.62
N PHE A 149 18.58 30.60 -17.25
CA PHE A 149 18.67 31.99 -17.70
C PHE A 149 19.82 32.38 -18.62
N GLY A 150 20.77 31.48 -18.84
CA GLY A 150 21.91 31.75 -19.73
C GLY A 150 23.00 32.58 -19.08
N MET A 151 22.96 32.68 -17.77
CA MET A 151 23.86 33.57 -17.03
C MET A 151 24.80 32.75 -16.17
N GLU A 152 26.01 33.27 -15.98
CA GLU A 152 26.98 32.67 -15.09
C GLU A 152 27.07 33.46 -13.77
N THR A 153 26.76 32.80 -12.67
CA THR A 153 26.84 33.45 -11.37
C THR A 153 28.18 33.16 -10.75
N SER A 154 28.79 32.05 -11.16
CA SER A 154 30.11 31.63 -10.67
C SER A 154 30.31 31.73 -9.14
N MET A 155 29.27 31.36 -8.39
CA MET A 155 29.37 31.27 -6.93
C MET A 155 30.39 30.27 -6.47
N LEU A 156 30.55 29.16 -7.19
CA LEU A 156 31.63 28.23 -6.91
C LEU A 156 32.99 28.90 -6.90
N LEU A 157 33.13 30.00 -7.64
CA LEU A 157 34.43 30.65 -7.82
C LEU A 157 34.57 31.89 -6.94
N GLY A 158 33.65 32.06 -6.00
CA GLY A 158 33.76 33.14 -5.00
C GLY A 158 32.96 34.36 -5.37
N ALA A 159 32.28 34.31 -6.51
CA ALA A 159 31.59 35.47 -7.06
C ALA A 159 30.16 35.64 -6.55
N GLN A 160 29.59 36.82 -6.83
CA GLN A 160 28.19 37.14 -6.48
C GLN A 160 27.84 36.94 -5.00
N LYS A 161 28.71 37.44 -4.12
CA LYS A 161 28.48 37.36 -2.67
C LYS A 161 27.20 38.06 -2.19
N PRO A 162 26.91 39.27 -2.68
CA PRO A 162 25.66 39.96 -2.35
C PRO A 162 24.38 39.22 -2.78
N LEU A 163 24.37 38.68 -4.00
CA LEU A 163 23.26 37.84 -4.45
C LEU A 163 23.03 36.65 -3.53
N SER A 164 24.13 35.99 -3.18
CA SER A 164 24.11 34.85 -2.28
C SER A 164 23.48 35.28 -0.94
N GLN A 165 24.04 36.34 -0.35
CA GLN A 165 23.49 36.90 0.89
C GLN A 165 22.00 37.26 0.76
N ALA A 166 21.62 37.83 -0.38
CA ALA A 166 20.21 38.18 -0.66
C ALA A 166 19.22 36.99 -0.65
N VAL A 167 19.68 35.83 -1.11
CA VAL A 167 18.85 34.61 -1.10
C VAL A 167 18.74 34.11 0.34
N LYS A 168 19.85 34.16 1.06
CA LYS A 168 19.88 33.73 2.47
C LYS A 168 18.86 34.49 3.30
N LEU A 169 18.91 35.82 3.22
CA LEU A 169 17.98 36.69 3.94
C LEU A 169 16.53 36.52 3.51
N MET A 170 16.32 36.43 2.20
CA MET A 170 14.97 36.21 1.66
C MET A 170 14.28 34.94 2.22
N LEU A 171 15.03 33.84 2.30
CA LEU A 171 14.49 32.58 2.83
C LEU A 171 14.15 32.69 4.32
N GLU A 172 15.02 33.37 5.07
CA GLU A 172 14.78 33.70 6.47
C GLU A 172 13.53 34.56 6.60
N GLY A 173 13.34 35.45 5.63
CA GLY A 173 12.11 36.25 5.54
C GLY A 173 10.82 35.44 5.39
N ILE A 174 10.84 34.48 4.47
CA ILE A 174 9.70 33.58 4.28
C ILE A 174 9.37 32.87 5.58
N THR A 175 10.41 32.39 6.25
CA THR A 175 10.28 31.64 7.50
C THR A 175 9.59 32.44 8.60
N ALA A 176 10.17 33.59 8.95
CA ALA A 176 9.64 34.44 10.02
C ALA A 176 8.23 34.94 9.72
N SER A 177 7.98 35.23 8.44
CA SER A 177 6.63 35.57 7.99
C SER A 177 5.63 34.48 8.38
N ARG A 178 5.99 33.22 8.14
CA ARG A 178 5.10 32.08 8.40
C ARG A 178 5.06 31.66 9.86
N ASN A 179 6.03 32.12 10.66
CA ASN A 179 6.10 31.79 12.09
C ASN A 179 6.19 33.04 13.00
N THR A 180 5.11 33.83 13.01
CA THR A 180 5.10 35.13 13.73
C THR A 180 6.20 36.06 13.23
N LYS A 188 12.56 42.43 13.88
CA LYS A 188 13.63 43.15 14.56
C LYS A 188 14.22 44.26 13.67
N ARG A 189 13.54 45.41 13.62
CA ARG A 189 13.86 46.55 12.72
C ARG A 189 14.82 46.37 11.50
N LYS A 190 16.04 45.92 11.77
CA LYS A 190 17.06 45.74 10.72
C LYS A 190 16.81 44.55 9.76
N GLN A 191 16.60 43.36 10.33
CA GLN A 191 16.33 42.17 9.51
C GLN A 191 15.11 42.42 8.64
N LEU A 192 14.16 43.20 9.17
CA LEU A 192 12.96 43.54 8.42
C LEU A 192 13.25 44.33 7.14
N ARG A 193 14.21 45.25 7.22
CA ARG A 193 14.57 46.08 6.07
C ARG A 193 15.53 45.33 5.14
N GLU A 194 16.41 44.52 5.72
CA GLU A 194 17.32 43.67 4.96
C GLU A 194 16.57 42.68 4.06
N VAL A 195 15.51 42.09 4.61
CA VAL A 195 14.68 41.15 3.86
C VAL A 195 13.97 41.85 2.71
N ARG A 196 13.45 43.04 2.96
CA ARG A 196 12.87 43.86 1.89
C ARG A 196 13.94 44.26 0.86
N GLU A 197 15.12 44.63 1.34
CA GLU A 197 16.24 44.99 0.46
C GLU A 197 16.74 43.80 -0.37
N SER A 198 16.68 42.61 0.22
CA SER A 198 17.10 41.41 -0.47
C SER A 198 16.12 41.00 -1.56
N ILE A 199 14.82 41.08 -1.26
CA ILE A 199 13.79 40.79 -2.24
C ILE A 199 13.83 41.74 -3.44
N ARG A 200 14.02 43.03 -3.17
CA ARG A 200 14.09 44.01 -4.24
C ARG A 200 15.34 43.77 -5.09
N PHE A 201 16.46 43.49 -4.42
CA PHE A 201 17.71 43.14 -5.11
C PHE A 201 17.48 41.98 -6.07
N LEU A 202 16.74 40.96 -5.60
CA LEU A 202 16.48 39.74 -6.34
C LEU A 202 15.66 39.98 -7.60
N ARG A 203 14.56 40.72 -7.48
CA ARG A 203 13.73 41.06 -8.63
C ARG A 203 14.48 41.99 -9.58
N GLN A 204 15.44 42.75 -9.04
CA GLN A 204 16.28 43.66 -9.86
C GLN A 204 17.26 42.89 -10.76
N VAL A 205 17.96 41.92 -10.17
CA VAL A 205 18.73 40.95 -10.96
C VAL A 205 17.86 40.42 -12.11
N GLY A 206 16.62 40.10 -11.79
CA GLY A 206 15.64 39.62 -12.75
C GLY A 206 15.47 40.52 -13.96
N ARG A 207 15.16 41.79 -13.70
CA ARG A 207 14.94 42.72 -14.81
C ARG A 207 16.20 42.92 -15.66
N ASP A 208 17.36 42.99 -15.00
CA ASP A 208 18.63 43.10 -15.69
C ASP A 208 18.93 41.90 -16.59
N TRP A 209 18.67 40.69 -16.10
CA TRP A 209 18.86 39.46 -16.89
C TRP A 209 17.81 39.36 -18.00
N VAL A 210 16.63 39.90 -17.73
CA VAL A 210 15.58 39.99 -18.74
C VAL A 210 16.02 41.02 -19.78
N GLN A 211 16.47 42.17 -19.29
CA GLN A 211 17.01 43.25 -20.15
C GLN A 211 18.10 42.69 -21.07
N ARG A 212 19.03 41.93 -20.50
CA ARG A 212 20.11 41.31 -21.29
C ARG A 212 19.62 40.39 -22.42
N ARG A 213 18.62 39.57 -22.12
CA ARG A 213 18.06 38.64 -23.11
C ARG A 213 17.36 39.37 -24.28
N ARG A 214 16.59 40.40 -23.97
CA ARG A 214 15.83 41.16 -24.97
C ARG A 214 16.75 41.95 -25.89
N GLU A 215 17.78 42.56 -25.30
CA GLU A 215 18.78 43.31 -26.04
C GLU A 215 19.56 42.40 -26.99
N ALA A 216 19.87 41.19 -26.54
CA ALA A 216 20.57 40.21 -27.37
C ALA A 216 19.72 39.76 -28.56
N LEU A 217 18.42 39.66 -28.33
CA LEU A 217 17.49 39.28 -29.38
C LEU A 217 17.23 40.46 -30.34
N LYS A 218 17.37 41.68 -29.84
CA LYS A 218 17.26 42.91 -30.67
C LYS A 218 18.47 43.19 -31.56
N ARG A 219 19.55 42.45 -31.33
CA ARG A 219 20.74 42.52 -32.17
C ARG A 219 20.72 41.31 -33.11
N GLY A 220 19.60 40.59 -33.10
CA GLY A 220 19.47 39.36 -33.88
C GLY A 220 20.49 38.28 -33.55
N GLU A 221 20.64 37.96 -32.27
CA GLU A 221 21.49 36.84 -31.86
C GLU A 221 20.70 35.54 -31.79
N GLU A 222 21.38 34.42 -31.98
CA GLU A 222 20.76 33.11 -31.89
C GLU A 222 20.89 32.61 -30.46
N VAL A 223 19.83 32.78 -29.66
CA VAL A 223 19.83 32.33 -28.27
C VAL A 223 19.12 30.98 -28.16
N PRO A 224 19.86 29.92 -27.82
CA PRO A 224 19.29 28.61 -27.58
C PRO A 224 18.12 28.69 -26.59
N ALA A 225 17.01 28.04 -26.94
CA ALA A 225 15.79 28.08 -26.13
C ALA A 225 16.02 27.48 -24.74
N ASP A 226 15.51 28.16 -23.72
CA ASP A 226 15.61 27.66 -22.34
C ASP A 226 14.34 27.97 -21.55
N ILE A 227 14.48 28.07 -20.22
CA ILE A 227 13.34 28.34 -19.33
C ILE A 227 12.91 29.79 -19.46
N LEU A 228 13.88 30.69 -19.47
CA LEU A 228 13.61 32.12 -19.67
C LEU A 228 12.84 32.38 -20.96
N THR A 229 13.15 31.60 -21.98
CA THR A 229 12.50 31.73 -23.28
C THR A 229 11.00 31.51 -23.08
N GLN A 230 10.64 30.47 -22.34
CA GLN A 230 9.24 30.13 -22.13
C GLN A 230 8.54 31.03 -21.11
N ILE A 231 9.27 31.59 -20.15
CA ILE A 231 8.65 32.51 -19.19
C ILE A 231 8.34 33.87 -19.84
N LEU A 232 9.23 34.33 -20.71
CA LEU A 232 8.97 35.53 -21.53
C LEU A 232 7.76 35.31 -22.40
N LYS A 233 7.74 34.17 -23.10
CA LYS A 233 6.64 33.78 -23.99
C LYS A 233 5.28 33.68 -23.31
N ALA A 234 5.30 33.31 -22.02
CA ALA A 234 4.07 33.16 -21.25
C ALA A 234 3.49 34.51 -20.88
N GLU A 235 4.30 35.56 -21.00
CA GLU A 235 3.89 36.92 -20.64
C GLU A 235 3.74 37.90 -21.83
N GLU A 236 3.15 37.44 -22.93
CA GLU A 236 3.01 38.25 -24.15
C GLU A 236 2.29 39.59 -24.00
N GLY A 237 0.99 39.54 -23.71
CA GLY A 237 0.18 40.76 -23.56
C GLY A 237 0.20 41.30 -22.15
N ALA A 238 1.38 41.67 -21.68
CA ALA A 238 1.54 42.17 -20.32
C ALA A 238 1.82 43.68 -20.29
N GLN A 239 1.02 44.39 -19.49
CA GLN A 239 1.18 45.84 -19.31
C GLN A 239 2.52 46.15 -18.68
N ASP A 240 3.07 45.19 -17.95
CA ASP A 240 4.34 45.35 -17.28
C ASP A 240 5.08 44.01 -17.18
N ASP A 241 6.29 44.05 -16.61
CA ASP A 241 7.13 42.87 -16.54
C ASP A 241 6.94 42.08 -15.23
N GLU A 242 5.97 42.51 -14.41
CA GLU A 242 5.74 41.92 -13.08
C GLU A 242 5.46 40.41 -13.05
N GLY A 243 4.61 39.93 -13.96
CA GLY A 243 4.37 38.49 -14.09
C GLY A 243 5.67 37.76 -14.40
N LEU A 244 6.35 38.22 -15.43
CA LEU A 244 7.63 37.65 -15.82
C LEU A 244 8.64 37.61 -14.67
N LEU A 245 8.72 38.71 -13.92
CA LEU A 245 9.60 38.76 -12.74
C LEU A 245 9.12 37.83 -11.58
N ASP A 246 7.81 37.62 -11.48
CA ASP A 246 7.27 36.62 -10.56
C ASP A 246 7.89 35.27 -10.94
N ASN A 247 7.75 34.90 -12.22
CA ASN A 247 8.28 33.65 -12.71
C ASN A 247 9.81 33.58 -12.67
N PHE A 248 10.47 34.73 -12.84
CA PHE A 248 11.93 34.78 -12.69
C PHE A 248 12.33 34.37 -11.27
N VAL A 249 11.79 35.06 -10.27
CA VAL A 249 12.13 34.77 -8.88
C VAL A 249 11.73 33.32 -8.55
N THR A 250 10.55 32.91 -9.00
CA THR A 250 10.05 31.54 -8.78
C THR A 250 11.11 30.52 -9.19
N PHE A 251 11.65 30.67 -10.40
CA PHE A 251 12.54 29.66 -10.94
C PHE A 251 13.89 29.76 -10.30
N PHE A 252 14.35 30.98 -10.07
CA PHE A 252 15.64 31.20 -9.43
C PHE A 252 15.73 30.47 -8.09
N ILE A 253 14.66 30.55 -7.31
CA ILE A 253 14.63 29.93 -5.97
C ILE A 253 14.20 28.48 -5.97
N ALA A 254 13.07 28.18 -6.61
CA ALA A 254 12.58 26.82 -6.67
C ALA A 254 13.62 25.93 -7.36
N GLY A 255 14.34 26.49 -8.31
CA GLY A 255 15.20 25.72 -9.23
C GLY A 255 16.58 25.40 -8.71
N HIS A 256 16.91 25.92 -7.52
CA HIS A 256 18.14 25.57 -6.86
C HIS A 256 17.99 25.15 -5.38
N GLU A 257 17.01 25.70 -4.66
CA GLU A 257 17.05 25.57 -3.20
C GLU A 257 16.80 24.13 -2.75
N THR A 258 15.74 23.52 -3.25
CA THR A 258 15.39 22.16 -2.88
C THR A 258 16.36 21.13 -3.44
N SER A 259 16.98 21.44 -4.58
CA SER A 259 18.01 20.57 -5.16
C SER A 259 19.24 20.59 -4.26
N ALA A 260 19.69 21.77 -3.84
CA ALA A 260 20.81 21.86 -2.88
C ALA A 260 20.49 21.19 -1.53
N ASN A 261 19.25 21.31 -1.09
CA ASN A 261 18.85 20.78 0.22
C ASN A 261 18.86 19.25 0.09
N HIS A 262 18.34 18.72 -1.02
CA HIS A 262 18.35 17.23 -1.28
C HIS A 262 19.77 16.66 -1.29
N LEU A 263 20.65 17.35 -2.02
CA LEU A 263 22.06 17.00 -2.05
C LEU A 263 22.74 17.06 -0.69
N ALA A 264 22.49 18.14 0.05
CA ALA A 264 23.08 18.25 1.39
C ALA A 264 22.65 17.06 2.24
N PHE A 265 21.36 16.76 2.27
CA PHE A 265 20.85 15.69 3.14
C PHE A 265 21.49 14.34 2.75
N THR A 266 21.61 14.09 1.44
CA THR A 266 22.18 12.84 0.93
C THR A 266 23.62 12.70 1.39
N VAL A 267 24.44 13.73 1.14
CA VAL A 267 25.83 13.73 1.62
C VAL A 267 25.95 13.51 3.14
N MET A 268 25.14 14.23 3.90
CA MET A 268 25.11 14.07 5.35
C MET A 268 24.79 12.62 5.75
N GLU A 269 23.72 12.06 5.19
CA GLU A 269 23.34 10.70 5.52
C GLU A 269 24.42 9.69 5.16
N LEU A 270 24.96 9.81 3.94
CA LEU A 270 25.92 8.86 3.43
C LEU A 270 27.21 8.80 4.22
N SER A 271 27.51 9.87 4.96
CA SER A 271 28.70 9.95 5.80
C SER A 271 28.69 8.94 6.94
N ARG A 272 27.50 8.50 7.35
CA ARG A 272 27.35 7.48 8.38
C ARG A 272 26.78 6.16 7.81
N GLN A 273 27.03 5.93 6.53
CA GLN A 273 26.53 4.76 5.81
C GLN A 273 27.61 4.11 4.95
N PRO A 274 28.68 3.60 5.57
CA PRO A 274 29.83 3.12 4.81
C PRO A 274 29.57 1.96 3.84
N GLU A 275 28.72 0.99 4.22
CA GLU A 275 28.38 -0.11 3.29
C GLU A 275 27.63 0.39 2.05
N ILE A 276 26.71 1.33 2.25
CA ILE A 276 25.99 1.93 1.12
C ILE A 276 26.93 2.67 0.18
N VAL A 277 27.90 3.38 0.77
CA VAL A 277 28.91 4.10 -0.02
C VAL A 277 29.71 3.14 -0.94
N ALA A 278 30.10 1.99 -0.40
CA ALA A 278 30.85 0.99 -1.18
C ALA A 278 30.04 0.48 -2.37
N ARG A 279 28.75 0.22 -2.15
CA ARG A 279 27.87 -0.17 -3.26
C ARG A 279 27.79 0.95 -4.30
N LEU A 280 27.56 2.18 -3.83
CA LEU A 280 27.58 3.34 -4.73
C LEU A 280 28.91 3.45 -5.52
N GLN A 281 30.03 3.36 -4.82
CA GLN A 281 31.35 3.42 -5.49
C GLN A 281 31.47 2.29 -6.50
N ALA A 282 31.18 1.06 -6.07
CA ALA A 282 31.16 -0.10 -6.99
C ALA A 282 30.34 0.18 -8.24
N GLU A 283 29.11 0.68 -8.07
CA GLU A 283 28.26 1.03 -9.23
C GLU A 283 28.79 2.13 -10.16
N VAL A 284 29.39 3.17 -9.57
CA VAL A 284 29.94 4.27 -10.34
C VAL A 284 31.12 3.78 -11.22
N ASP A 285 31.92 2.92 -10.63
CA ASP A 285 33.01 2.26 -11.35
C ASP A 285 32.55 1.48 -12.59
N GLU A 286 31.53 0.64 -12.46
CA GLU A 286 30.98 -0.12 -13.62
C GLU A 286 30.45 0.78 -14.75
N VAL A 287 29.47 1.63 -14.46
CA VAL A 287 28.76 2.35 -15.54
C VAL A 287 29.49 3.53 -16.18
N ILE A 288 30.18 4.35 -15.39
CA ILE A 288 30.90 5.50 -15.94
C ILE A 288 32.43 5.34 -15.90
N GLY A 289 32.92 4.59 -14.92
CA GLY A 289 34.35 4.33 -14.76
C GLY A 289 35.09 5.51 -14.12
N SER A 290 36.18 5.93 -14.77
CA SER A 290 36.89 7.15 -14.42
C SER A 290 36.56 8.22 -15.48
N LYS A 291 35.57 7.93 -16.33
CA LYS A 291 35.10 8.88 -17.33
C LYS A 291 34.79 10.24 -16.71
N ARG A 292 35.03 11.31 -17.47
CA ARG A 292 34.93 12.67 -16.95
C ARG A 292 33.56 13.27 -17.24
N TYR A 293 33.01 12.95 -18.41
CA TYR A 293 31.73 13.48 -18.84
C TYR A 293 30.66 12.39 -18.78
N LEU A 294 29.56 12.68 -18.10
CA LEU A 294 28.44 11.75 -18.05
C LEU A 294 27.46 12.03 -19.20
N ASP A 295 27.15 11.00 -19.98
CA ASP A 295 26.19 11.14 -21.09
C ASP A 295 24.78 10.97 -20.54
N PHE A 296 23.78 11.47 -21.26
CA PHE A 296 22.38 11.27 -20.83
C PHE A 296 22.10 9.81 -20.51
N GLU A 297 22.54 8.92 -21.40
CA GLU A 297 22.33 7.48 -21.21
C GLU A 297 22.97 6.89 -19.95
N ASP A 298 24.08 7.47 -19.52
CA ASP A 298 24.75 7.06 -18.27
C ASP A 298 23.84 7.15 -17.03
N LEU A 299 23.02 8.20 -16.96
CA LEU A 299 22.11 8.42 -15.81
C LEU A 299 21.16 7.27 -15.51
N GLY A 300 20.48 6.79 -16.54
CA GLY A 300 19.55 5.68 -16.39
C GLY A 300 20.14 4.44 -15.76
N ARG A 301 21.43 4.17 -16.03
CA ARG A 301 22.05 2.93 -15.56
C ARG A 301 22.54 3.03 -14.12
N LEU A 302 22.52 4.24 -13.56
CA LEU A 302 22.95 4.41 -12.17
C LEU A 302 21.75 4.11 -11.27
N GLN A 303 21.39 2.83 -11.19
CA GLN A 303 20.14 2.40 -10.53
C GLN A 303 20.19 2.37 -8.99
N TYR A 304 21.29 1.88 -8.42
CA TYR A 304 21.46 1.89 -6.96
C TYR A 304 21.52 3.34 -6.37
N LEU A 305 22.15 4.23 -7.15
CA LEU A 305 22.22 5.66 -6.79
C LEU A 305 20.82 6.26 -6.82
N SER A 306 20.06 5.89 -7.85
CA SER A 306 18.67 6.29 -7.93
C SER A 306 17.86 5.85 -6.70
N GLN A 307 18.03 4.59 -6.27
CA GLN A 307 17.41 4.11 -5.05
C GLN A 307 17.83 4.89 -3.78
N VAL A 308 19.11 5.26 -3.71
CA VAL A 308 19.64 5.99 -2.53
C VAL A 308 19.07 7.44 -2.48
N LEU A 309 18.96 8.09 -3.63
CA LEU A 309 18.37 9.42 -3.72
C LEU A 309 16.88 9.36 -3.40
N LYS A 310 16.19 8.32 -3.87
CA LYS A 310 14.78 8.12 -3.49
C LYS A 310 14.61 7.95 -1.99
N GLU A 311 15.51 7.19 -1.38
CA GLU A 311 15.41 6.90 0.06
C GLU A 311 15.80 8.14 0.89
N SER A 312 16.65 8.99 0.32
CA SER A 312 17.02 10.25 0.96
C SER A 312 15.77 11.18 0.97
N LEU A 313 15.03 11.15 -0.14
CA LEU A 313 13.79 11.93 -0.26
C LEU A 313 12.69 11.51 0.68
N ARG A 314 12.64 10.23 0.99
CA ARG A 314 11.60 9.73 1.88
C ARG A 314 11.81 10.28 3.30
N LEU A 315 13.03 10.18 3.78
CA LEU A 315 13.32 10.61 5.15
C LEU A 315 13.56 12.09 5.24
N TYR A 316 14.15 12.64 4.18
CA TYR A 316 14.44 14.09 4.15
C TYR A 316 13.92 14.80 2.93
N PRO A 317 12.60 14.96 2.78
CA PRO A 317 12.07 15.73 1.65
C PRO A 317 12.17 17.22 1.95
N PRO A 318 12.90 17.98 1.11
CA PRO A 318 13.10 19.42 1.34
C PRO A 318 11.79 20.20 1.29
N ALA A 319 10.88 19.79 0.41
CA ALA A 319 9.58 20.38 0.35
C ALA A 319 8.71 19.29 0.96
N TRP A 320 8.16 19.55 2.15
CA TRP A 320 7.51 18.48 2.92
C TRP A 320 6.12 18.15 2.43
N GLY A 321 5.55 19.02 1.60
CA GLY A 321 4.20 18.78 1.07
C GLY A 321 3.46 19.88 0.35
N THR A 322 2.16 19.94 0.58
CA THR A 322 1.32 20.82 -0.21
C THR A 322 -0.03 21.03 0.46
N PHE A 323 -0.76 22.03 -0.01
CA PHE A 323 -2.12 22.30 0.46
C PHE A 323 -3.09 22.26 -0.69
N ARG A 324 -4.30 21.75 -0.41
CA ARG A 324 -5.41 21.81 -1.34
C ARG A 324 -6.64 22.40 -0.62
N LEU A 325 -7.26 23.41 -1.23
CA LEU A 325 -8.45 24.03 -0.64
C LEU A 325 -9.65 23.11 -0.82
N LEU A 326 -10.25 22.68 0.28
CA LEU A 326 -11.47 21.90 0.22
C LEU A 326 -12.68 22.84 0.28
N GLU A 327 -13.33 23.02 -0.87
CA GLU A 327 -14.39 24.04 -1.03
C GLU A 327 -15.69 23.74 -0.26
N GLU A 328 -16.06 22.47 -0.19
CA GLU A 328 -17.30 22.06 0.48
C GLU A 328 -17.04 21.11 1.64
N GLU A 329 -17.90 21.15 2.66
CA GLU A 329 -17.88 20.14 3.72
C GLU A 329 -17.89 18.79 3.07
N THR A 330 -17.02 17.90 3.54
CA THR A 330 -16.87 16.56 2.95
C THR A 330 -16.53 15.52 4.04
N LEU A 331 -16.72 14.25 3.71
CA LEU A 331 -16.42 13.16 4.61
C LEU A 331 -15.05 12.59 4.24
N ILE A 332 -14.08 12.80 5.12
CA ILE A 332 -12.72 12.31 4.87
C ILE A 332 -12.36 11.27 5.93
N ASP A 333 -12.29 10.01 5.50
CA ASP A 333 -12.01 8.87 6.38
C ASP A 333 -12.91 8.84 7.60
N GLY A 334 -14.21 8.91 7.34
CA GLY A 334 -15.20 8.93 8.40
C GLY A 334 -15.20 10.21 9.23
N VAL A 335 -14.49 11.23 8.76
CA VAL A 335 -14.42 12.51 9.49
C VAL A 335 -14.97 13.68 8.68
N ARG A 336 -15.95 14.36 9.26
CA ARG A 336 -16.64 15.46 8.60
C ARG A 336 -15.78 16.70 8.69
N VAL A 337 -15.26 17.13 7.55
CA VAL A 337 -14.41 18.32 7.51
C VAL A 337 -15.18 19.48 6.89
N PRO A 338 -15.23 20.62 7.60
CA PRO A 338 -16.05 21.77 7.17
C PRO A 338 -15.47 22.43 5.93
N GLY A 339 -16.36 23.00 5.10
CA GLY A 339 -15.97 23.58 3.83
C GLY A 339 -15.08 24.79 3.98
N ASN A 340 -14.40 25.15 2.89
CA ASN A 340 -13.44 26.25 2.93
C ASN A 340 -12.32 25.97 3.95
N THR A 341 -11.85 24.72 3.98
CA THR A 341 -10.76 24.28 4.86
C THR A 341 -9.52 23.85 4.03
N PRO A 342 -8.35 24.40 4.36
CA PRO A 342 -7.08 24.01 3.72
C PRO A 342 -6.63 22.61 4.16
N LEU A 343 -6.56 21.68 3.21
CA LEU A 343 -5.99 20.36 3.51
C LEU A 343 -4.45 20.34 3.36
N LEU A 344 -3.77 19.93 4.41
CA LEU A 344 -2.35 19.66 4.37
C LEU A 344 -2.04 18.18 4.04
N PHE A 345 -1.09 17.98 3.14
CA PHE A 345 -0.60 16.64 2.76
C PHE A 345 0.90 16.69 3.02
N SER A 346 1.42 15.73 3.78
CA SER A 346 2.82 15.77 4.15
C SER A 346 3.53 14.48 3.78
N THR A 347 4.48 14.55 2.85
CA THR A 347 5.28 13.35 2.48
C THR A 347 6.28 13.05 3.57
N TYR A 348 6.74 14.11 4.22
CA TYR A 348 7.55 13.94 5.42
C TYR A 348 6.90 13.06 6.49
N VAL A 349 5.63 13.33 6.80
CA VAL A 349 4.89 12.59 7.83
C VAL A 349 4.65 11.14 7.44
N MET A 350 4.13 10.93 6.24
CA MET A 350 3.83 9.59 5.76
C MET A 350 5.09 8.71 5.69
N GLY A 351 6.16 9.28 5.17
CA GLY A 351 7.44 8.58 5.12
C GLY A 351 7.97 8.08 6.45
N ARG A 352 7.47 8.66 7.54
CA ARG A 352 7.95 8.27 8.85
C ARG A 352 6.89 7.50 9.67
N MET A 353 5.80 7.08 9.02
CA MET A 353 4.76 6.29 9.68
C MET A 353 4.93 4.76 9.42
N ASP A 354 5.12 4.02 10.51
CA ASP A 354 5.38 2.59 10.46
C ASP A 354 4.22 1.84 9.88
N THR A 355 3.07 2.52 9.83
CA THR A 355 1.92 2.04 9.08
C THR A 355 2.22 1.86 7.59
N TYR A 356 3.09 2.71 7.02
CA TYR A 356 3.41 2.67 5.59
C TYR A 356 4.81 2.24 5.26
N PHE A 357 5.71 2.29 6.24
CA PHE A 357 7.12 1.95 6.01
C PHE A 357 7.67 1.20 7.17
N GLU A 358 8.09 -0.03 6.92
CA GLU A 358 8.64 -0.86 7.96
C GLU A 358 9.97 -0.27 8.44
N ASP A 359 10.18 -0.28 9.75
CA ASP A 359 11.35 0.37 10.37
C ASP A 359 11.67 1.78 9.77
N PRO A 360 10.76 2.74 9.97
CA PRO A 360 10.77 3.98 9.15
C PRO A 360 12.02 4.87 9.30
N LEU A 361 12.68 4.78 10.45
CA LEU A 361 13.88 5.60 10.71
C LEU A 361 15.15 4.99 10.12
N THR A 362 15.06 3.73 9.68
CA THR A 362 16.15 3.08 8.98
C THR A 362 16.29 3.54 7.54
N PHE A 363 17.47 4.05 7.19
CA PHE A 363 17.79 4.47 5.83
C PHE A 363 18.10 3.21 5.06
N ASN A 364 17.16 2.78 4.23
CA ASN A 364 17.36 1.53 3.46
C ASN A 364 16.99 1.69 2.00
N PRO A 365 17.98 1.86 1.14
CA PRO A 365 17.72 2.05 -0.28
C PRO A 365 17.12 0.81 -0.95
N ASP A 366 17.21 -0.34 -0.29
CA ASP A 366 16.58 -1.58 -0.78
C ASP A 366 15.05 -1.49 -0.82
N ARG A 367 14.47 -0.53 -0.08
CA ARG A 367 13.04 -0.20 -0.23
C ARG A 367 12.63 0.10 -1.65
N PHE A 368 13.53 0.72 -2.41
CA PHE A 368 13.24 1.06 -3.78
C PHE A 368 13.89 0.11 -4.79
N GLY A 369 14.31 -1.06 -4.30
CA GLY A 369 14.92 -2.10 -5.16
C GLY A 369 14.05 -2.45 -6.38
N PRO A 370 14.66 -3.01 -7.42
CA PRO A 370 13.88 -3.54 -8.53
C PRO A 370 13.06 -4.73 -7.96
N GLY A 371 11.78 -4.74 -8.28
CA GLY A 371 10.90 -5.79 -7.77
C GLY A 371 10.04 -5.43 -6.57
N ALA A 372 10.43 -4.41 -5.80
CA ALA A 372 9.62 -4.01 -4.64
C ALA A 372 8.43 -3.20 -5.15
N PRO A 373 7.23 -3.45 -4.63
CA PRO A 373 6.08 -2.65 -5.02
C PRO A 373 6.44 -1.17 -4.79
N LYS A 374 6.05 -0.30 -5.72
CA LYS A 374 6.28 1.13 -5.57
C LYS A 374 5.32 1.61 -4.46
N PRO A 375 5.72 2.61 -3.67
CA PRO A 375 4.79 3.12 -2.64
C PRO A 375 3.53 3.64 -3.33
N ARG A 376 2.37 3.40 -2.73
CA ARG A 376 1.11 3.79 -3.31
C ARG A 376 0.62 4.97 -2.54
N PHE A 377 0.95 6.17 -2.99
CA PHE A 377 0.39 7.40 -2.43
C PHE A 377 0.83 7.64 -0.99
N THR A 378 1.98 7.08 -0.64
CA THR A 378 2.58 7.31 0.65
C THR A 378 3.94 8.02 0.55
N TYR A 379 4.26 8.55 -0.62
CA TYR A 379 5.58 9.08 -0.91
C TYR A 379 5.48 10.01 -2.10
N PHE A 380 5.74 11.29 -1.86
CA PHE A 380 5.52 12.28 -2.88
C PHE A 380 6.42 13.50 -2.75
N PRO A 381 7.74 13.28 -2.78
CA PRO A 381 8.69 14.38 -2.56
C PRO A 381 8.65 15.45 -3.67
N PHE A 382 7.98 15.14 -4.78
CA PHE A 382 7.83 16.07 -5.88
C PHE A 382 6.36 16.30 -6.03
N SER A 383 5.59 15.95 -5.00
CA SER A 383 4.12 16.05 -5.04
C SER A 383 3.58 15.15 -6.18
N LEU A 384 2.31 15.34 -6.49
CA LEU A 384 1.59 14.42 -7.37
C LEU A 384 0.53 15.20 -8.17
N GLY A 385 0.06 14.59 -9.25
CA GLY A 385 -1.01 15.19 -10.08
C GLY A 385 -0.57 16.43 -10.83
N HIS A 386 -1.52 17.30 -11.16
CA HIS A 386 -1.25 18.47 -12.01
C HIS A 386 -0.34 19.54 -11.37
N ARG A 387 -0.35 19.64 -10.05
CA ARG A 387 0.53 20.60 -9.41
C ARG A 387 1.85 19.97 -8.92
N SER A 388 2.22 18.82 -9.50
CA SER A 388 3.53 18.24 -9.26
C SER A 388 4.71 19.08 -9.81
N CYS A 389 5.91 18.80 -9.29
CA CYS A 389 7.11 19.52 -9.66
C CYS A 389 7.32 19.46 -11.17
N ILE A 390 7.32 20.62 -11.81
CA ILE A 390 7.70 20.71 -13.23
C ILE A 390 9.19 20.39 -13.40
N GLY A 391 9.95 20.52 -12.32
CA GLY A 391 11.39 20.37 -12.38
C GLY A 391 11.90 19.00 -12.03
N GLN A 392 11.00 18.05 -11.82
CA GLN A 392 11.39 16.71 -11.31
C GLN A 392 12.55 16.09 -12.09
N GLN A 393 12.36 15.88 -13.38
CA GLN A 393 13.38 15.25 -14.23
C GLN A 393 14.64 16.11 -14.29
N PHE A 394 14.46 17.42 -14.33
CA PHE A 394 15.59 18.35 -14.23
C PHE A 394 16.37 18.07 -12.95
N ALA A 395 15.68 18.02 -11.82
CA ALA A 395 16.32 17.85 -10.49
C ALA A 395 17.03 16.49 -10.37
N GLN A 396 16.29 15.44 -10.71
CA GLN A 396 16.80 14.10 -10.68
C GLN A 396 18.06 13.95 -11.53
N MET A 397 18.07 14.59 -12.70
CA MET A 397 19.25 14.54 -13.60
C MET A 397 20.45 15.25 -13.00
N GLU A 398 20.26 16.50 -12.58
CA GLU A 398 21.37 17.27 -12.01
C GLU A 398 21.94 16.65 -10.74
N VAL A 399 21.10 16.08 -9.88
CA VAL A 399 21.61 15.54 -8.59
C VAL A 399 22.40 14.23 -8.82
N LYS A 400 21.87 13.38 -9.69
CA LYS A 400 22.64 12.22 -10.17
C LYS A 400 24.00 12.57 -10.75
N VAL A 401 24.08 13.61 -11.57
CA VAL A 401 25.37 14.06 -12.11
C VAL A 401 26.28 14.50 -10.95
N VAL A 402 25.78 15.41 -10.12
CA VAL A 402 26.58 15.84 -8.93
C VAL A 402 27.06 14.69 -8.05
N MET A 403 26.18 13.77 -7.67
CA MET A 403 26.57 12.68 -6.78
C MET A 403 27.54 11.70 -7.43
N ALA A 404 27.27 11.37 -8.70
CA ALA A 404 28.15 10.49 -9.45
C ALA A 404 29.59 11.01 -9.37
N LYS A 405 29.75 12.31 -9.58
CA LYS A 405 31.09 12.88 -9.68
C LYS A 405 31.80 12.85 -8.35
N LEU A 406 31.07 13.16 -7.28
CA LEU A 406 31.58 13.06 -5.92
C LEU A 406 32.00 11.63 -5.56
N LEU A 407 31.13 10.68 -5.87
CA LEU A 407 31.37 9.27 -5.62
C LEU A 407 32.56 8.70 -6.38
N GLN A 408 32.87 9.27 -7.54
CA GLN A 408 34.09 8.93 -8.29
C GLN A 408 35.39 9.34 -7.58
N ARG A 409 35.40 10.55 -7.04
CA ARG A 409 36.65 11.23 -6.76
C ARG A 409 36.96 11.47 -5.30
N LEU A 410 35.92 11.53 -4.47
CA LEU A 410 36.10 11.96 -3.08
C LEU A 410 35.48 11.09 -2.01
N GLU A 411 36.03 11.21 -0.80
CA GLU A 411 35.44 10.59 0.37
C GLU A 411 35.32 11.70 1.40
N PHE A 412 34.22 11.68 2.13
CA PHE A 412 33.90 12.70 3.13
C PHE A 412 33.86 12.10 4.51
N ARG A 413 34.26 12.90 5.48
CA ARG A 413 34.13 12.51 6.87
C ARG A 413 33.50 13.68 7.57
N LEU A 414 32.36 13.45 8.21
CA LEU A 414 31.68 14.48 8.97
C LEU A 414 32.52 14.94 10.17
N VAL A 415 32.82 16.23 10.23
CA VAL A 415 33.54 16.85 11.36
C VAL A 415 32.81 16.57 12.69
N PRO A 416 33.54 16.06 13.69
CA PRO A 416 32.95 15.76 14.99
C PRO A 416 32.15 16.96 15.50
N GLY A 417 30.98 16.71 16.06
CA GLY A 417 30.10 17.78 16.53
C GLY A 417 28.99 18.12 15.54
N GLN A 418 29.21 17.77 14.27
CA GLN A 418 28.18 17.95 13.27
C GLN A 418 26.96 17.05 13.54
N ARG A 419 25.81 17.69 13.69
CA ARG A 419 24.56 17.00 13.98
C ARG A 419 23.80 16.54 12.73
N PHE A 420 22.85 15.64 12.96
CA PHE A 420 22.08 15.04 11.88
C PHE A 420 20.64 15.54 11.77
N GLY A 421 20.25 16.45 12.65
CA GLY A 421 18.87 16.94 12.69
C GLY A 421 18.48 17.90 11.56
N LEU A 422 17.23 18.34 11.56
CA LEU A 422 16.73 19.19 10.50
C LEU A 422 16.35 20.57 11.02
N GLN A 423 16.17 21.51 10.10
CA GLN A 423 15.54 22.76 10.40
C GLN A 423 14.53 23.05 9.30
N GLU A 424 13.56 23.90 9.60
CA GLU A 424 12.65 24.37 8.58
C GLU A 424 12.79 25.86 8.38
N GLN A 425 13.33 26.23 7.21
CA GLN A 425 13.29 27.60 6.75
C GLN A 425 12.08 27.70 5.82
N ALA A 426 12.32 28.07 4.56
CA ALA A 426 11.28 27.96 3.54
C ALA A 426 11.14 26.48 3.16
N THR A 427 12.20 25.69 3.38
CA THR A 427 12.14 24.25 3.10
C THR A 427 12.80 23.53 4.28
N LEU A 428 12.78 22.20 4.28
CA LEU A 428 13.63 21.45 5.22
C LEU A 428 15.07 21.32 4.69
N LYS A 429 16.04 21.41 5.59
CA LYS A 429 17.47 21.36 5.23
C LYS A 429 18.20 20.96 6.51
N PRO A 430 19.44 20.48 6.41
CA PRO A 430 20.18 20.13 7.63
C PRO A 430 20.25 21.29 8.62
N LEU A 431 20.22 20.96 9.90
CA LEU A 431 20.37 21.94 11.00
C LEU A 431 21.81 22.46 11.00
N ASP A 432 22.77 21.54 10.93
CA ASP A 432 24.19 21.89 10.82
C ASP A 432 24.57 22.01 9.34
N PRO A 433 25.66 22.73 9.04
CA PRO A 433 26.00 23.03 7.66
C PRO A 433 26.73 21.90 6.92
N VAL A 434 26.69 20.69 7.49
CA VAL A 434 27.33 19.50 6.91
C VAL A 434 28.83 19.71 6.71
N LEU A 435 29.50 20.13 7.78
CA LEU A 435 30.94 20.30 7.79
C LEU A 435 31.65 18.98 7.64
N CYS A 436 32.46 18.89 6.60
CA CYS A 436 33.21 17.69 6.32
C CYS A 436 34.69 18.00 6.10
N THR A 437 35.52 16.98 6.32
CA THR A 437 36.87 16.98 5.81
C THR A 437 36.91 15.94 4.70
N LEU A 438 37.80 16.15 3.73
CA LEU A 438 37.77 15.43 2.47
C LEU A 438 39.10 14.74 2.17
N ARG A 439 39.04 13.64 1.42
CA ARG A 439 40.25 13.01 0.87
C ARG A 439 39.90 12.53 -0.53
N PRO A 440 40.90 12.41 -1.40
CA PRO A 440 40.67 11.83 -2.73
C PRO A 440 40.23 10.38 -2.49
N ARG A 441 39.41 9.84 -3.38
CA ARG A 441 38.96 8.47 -3.24
C ARG A 441 40.18 7.56 -3.41
N GLY A 442 40.52 6.85 -2.34
CA GLY A 442 41.72 6.01 -2.30
C GLY A 442 42.82 6.55 -1.39
N TRP A 443 42.95 7.89 -1.35
CA TRP A 443 43.93 8.59 -0.47
C TRP A 443 45.34 7.96 -0.23
N ARG B 10 -4.43 -24.88 -13.42
CA ARG B 10 -4.89 -23.50 -13.74
C ARG B 10 -6.41 -23.32 -13.68
N VAL B 11 -6.86 -22.32 -12.93
CA VAL B 11 -8.29 -22.05 -12.75
C VAL B 11 -8.74 -20.77 -13.46
N LEU B 12 -10.06 -20.54 -13.51
CA LEU B 12 -10.58 -19.29 -14.07
C LEU B 12 -9.98 -18.00 -13.42
N GLN B 13 -9.74 -18.06 -12.12
CA GLN B 13 -9.15 -16.92 -11.39
C GLN B 13 -7.76 -16.56 -11.92
N ASP B 14 -7.01 -17.56 -12.36
CA ASP B 14 -5.71 -17.33 -12.99
C ASP B 14 -5.84 -16.56 -14.29
N VAL B 15 -6.91 -16.81 -15.04
CA VAL B 15 -7.22 -16.04 -16.24
C VAL B 15 -7.54 -14.60 -15.88
N PHE B 16 -8.38 -14.42 -14.87
CA PHE B 16 -8.69 -13.08 -14.36
C PHE B 16 -7.41 -12.32 -13.96
N LEU B 17 -6.46 -13.03 -13.37
CA LEU B 17 -5.19 -12.43 -12.95
C LEU B 17 -4.39 -11.90 -14.16
N ASP B 18 -4.19 -12.75 -15.16
CA ASP B 18 -3.55 -12.35 -16.42
C ASP B 18 -4.19 -11.09 -16.97
N TRP B 19 -5.52 -11.02 -16.93
CA TRP B 19 -6.23 -9.86 -17.48
C TRP B 19 -6.15 -8.60 -16.61
N ALA B 20 -6.22 -8.76 -15.29
CA ALA B 20 -6.02 -7.60 -14.39
C ALA B 20 -4.66 -7.00 -14.66
N LYS B 21 -3.66 -7.86 -14.84
CA LYS B 21 -2.28 -7.42 -15.09
C LYS B 21 -2.17 -6.69 -16.42
N LYS B 22 -2.75 -7.27 -17.46
CA LYS B 22 -2.66 -6.74 -18.81
C LYS B 22 -3.57 -5.55 -19.08
N TYR B 23 -4.79 -5.60 -18.58
CA TYR B 23 -5.83 -4.64 -18.94
C TYR B 23 -6.22 -3.62 -17.86
N GLY B 24 -5.59 -3.72 -16.69
CA GLY B 24 -5.68 -2.65 -15.70
C GLY B 24 -6.66 -2.92 -14.60
N PRO B 25 -6.96 -1.90 -13.80
CA PRO B 25 -7.72 -2.06 -12.55
C PRO B 25 -9.21 -2.35 -12.71
N VAL B 26 -9.73 -2.13 -13.92
CA VAL B 26 -11.18 -2.31 -14.20
C VAL B 26 -11.40 -3.12 -15.49
N VAL B 27 -11.84 -4.38 -15.38
CA VAL B 27 -11.96 -5.26 -16.56
C VAL B 27 -13.27 -6.06 -16.63
N ARG B 28 -13.99 -5.93 -17.75
CA ARG B 28 -15.25 -6.63 -17.93
C ARG B 28 -14.98 -8.10 -18.25
N VAL B 29 -15.60 -8.99 -17.49
CA VAL B 29 -15.37 -10.41 -17.62
C VAL B 29 -16.64 -11.18 -17.48
N ASN B 30 -16.65 -12.38 -18.04
CA ASN B 30 -17.71 -13.34 -17.82
C ASN B 30 -17.36 -14.31 -16.69
N VAL B 31 -18.21 -14.34 -15.68
CA VAL B 31 -18.02 -15.25 -14.55
C VAL B 31 -19.36 -15.89 -14.23
N PHE B 32 -19.36 -17.21 -14.07
CA PHE B 32 -20.58 -17.98 -13.80
C PHE B 32 -21.59 -17.67 -14.92
N HIS B 33 -21.08 -17.63 -16.15
CA HIS B 33 -21.84 -17.23 -17.35
C HIS B 33 -22.67 -15.92 -17.24
N LYS B 34 -22.17 -14.96 -16.47
CA LYS B 34 -22.81 -13.64 -16.34
C LYS B 34 -21.76 -12.51 -16.43
N THR B 35 -22.16 -11.39 -17.03
CA THR B 35 -21.24 -10.27 -17.21
C THR B 35 -20.99 -9.57 -15.87
N SER B 36 -19.77 -9.07 -15.71
CA SER B 36 -19.31 -8.53 -14.44
C SER B 36 -18.05 -7.72 -14.72
N VAL B 37 -17.73 -6.78 -13.84
CA VAL B 37 -16.47 -6.05 -13.92
C VAL B 37 -15.56 -6.39 -12.72
N ILE B 38 -14.40 -7.01 -13.00
CA ILE B 38 -13.38 -7.23 -11.94
C ILE B 38 -12.66 -5.92 -11.65
N VAL B 39 -12.63 -5.56 -10.37
CA VAL B 39 -12.07 -4.30 -9.90
C VAL B 39 -10.91 -4.67 -8.96
N THR B 40 -9.69 -4.22 -9.30
CA THR B 40 -8.48 -4.70 -8.59
C THR B 40 -7.55 -3.63 -8.03
N SER B 41 -8.01 -2.38 -7.91
CA SER B 41 -7.23 -1.37 -7.20
C SER B 41 -7.64 -1.41 -5.73
N PRO B 42 -6.68 -1.25 -4.81
CA PRO B 42 -6.99 -1.23 -3.36
C PRO B 42 -7.94 -0.11 -2.97
N GLU B 43 -7.92 1.00 -3.72
CA GLU B 43 -8.81 2.11 -3.41
C GLU B 43 -10.28 1.75 -3.69
N SER B 44 -10.54 0.98 -4.74
CA SER B 44 -11.89 0.45 -5.02
C SER B 44 -12.38 -0.63 -4.04
N VAL B 45 -11.48 -1.54 -3.67
CA VAL B 45 -11.76 -2.50 -2.61
C VAL B 45 -12.23 -1.77 -1.33
N LYS B 46 -11.51 -0.74 -0.93
CA LYS B 46 -11.88 0.03 0.23
C LYS B 46 -13.25 0.69 0.04
N LYS B 47 -13.46 1.29 -1.14
CA LYS B 47 -14.68 2.04 -1.43
C LYS B 47 -15.94 1.19 -1.43
N PHE B 48 -15.88 0.04 -2.08
CA PHE B 48 -17.07 -0.78 -2.24
C PHE B 48 -17.39 -1.79 -1.12
N LEU B 49 -16.37 -2.34 -0.46
CA LEU B 49 -16.57 -3.35 0.58
C LEU B 49 -16.68 -2.73 1.97
N MET B 50 -16.03 -1.59 2.17
CA MET B 50 -16.04 -0.88 3.47
C MET B 50 -17.29 -0.01 3.77
N SER B 51 -18.22 0.04 2.83
CA SER B 51 -19.46 0.81 3.02
C SER B 51 -20.75 0.00 2.84
N THR B 52 -21.65 0.11 3.81
CA THR B 52 -22.96 -0.58 3.77
C THR B 52 -23.87 -0.15 2.60
N LYS B 53 -23.46 0.89 1.89
CA LYS B 53 -24.16 1.35 0.70
C LYS B 53 -24.15 0.30 -0.39
N TYR B 54 -23.08 -0.49 -0.46
CA TYR B 54 -22.99 -1.54 -1.46
C TYR B 54 -23.30 -2.90 -0.88
N ASN B 55 -24.11 -3.66 -1.62
CA ASN B 55 -24.63 -4.91 -1.13
C ASN B 55 -24.41 -5.97 -2.19
N LYS B 56 -24.50 -7.24 -1.79
CA LYS B 56 -24.30 -8.35 -2.72
C LYS B 56 -25.21 -8.32 -3.92
N ASP B 57 -24.73 -8.88 -5.03
CA ASP B 57 -25.50 -8.98 -6.25
C ASP B 57 -26.34 -10.23 -6.30
N SER B 58 -27.63 -10.08 -6.00
CA SER B 58 -28.59 -11.20 -6.10
C SER B 58 -28.30 -12.10 -7.27
N LYS B 59 -28.03 -11.50 -8.43
CA LYS B 59 -27.86 -12.27 -9.68
C LYS B 59 -26.71 -13.26 -9.62
N MET B 60 -25.65 -12.89 -8.92
CA MET B 60 -24.46 -13.73 -8.83
C MET B 60 -24.57 -14.82 -7.75
N TYR B 61 -25.57 -14.69 -6.88
CA TYR B 61 -25.71 -15.60 -5.73
C TYR B 61 -26.89 -16.57 -5.88
N ARG B 62 -27.58 -16.48 -7.02
CA ARG B 62 -28.72 -17.36 -7.33
C ARG B 62 -28.23 -18.79 -7.52
N ALA B 63 -26.95 -18.92 -7.84
CA ALA B 63 -26.32 -20.22 -8.03
C ALA B 63 -26.12 -20.98 -6.73
N LEU B 64 -26.20 -20.28 -5.60
CA LEU B 64 -26.12 -20.91 -4.28
C LEU B 64 -27.52 -21.05 -3.68
N GLN B 65 -28.38 -20.06 -3.95
CA GLN B 65 -29.76 -20.04 -3.44
C GLN B 65 -30.56 -21.29 -3.81
N THR B 66 -30.46 -21.72 -5.07
CA THR B 66 -31.16 -22.90 -5.57
C THR B 66 -30.27 -23.61 -6.57
N VAL B 67 -30.23 -24.94 -6.54
CA VAL B 67 -29.39 -25.71 -7.46
C VAL B 67 -30.14 -26.83 -8.20
N PHE B 68 -30.12 -26.76 -9.53
CA PHE B 68 -30.81 -27.73 -10.39
C PHE B 68 -32.24 -27.93 -9.95
N GLY B 69 -32.91 -26.83 -9.61
CA GLY B 69 -34.29 -26.87 -9.19
C GLY B 69 -34.53 -27.44 -7.80
N GLU B 70 -33.56 -27.25 -6.91
CA GLU B 70 -33.71 -27.62 -5.51
C GLU B 70 -33.15 -26.52 -4.62
N ARG B 71 -33.98 -26.02 -3.71
CA ARG B 71 -33.54 -24.99 -2.77
C ARG B 71 -32.32 -25.48 -1.96
N LEU B 72 -31.27 -24.66 -1.90
CA LEU B 72 -30.03 -25.06 -1.16
C LEU B 72 -29.71 -24.10 -0.04
N PHE B 73 -29.00 -23.02 -0.35
CA PHE B 73 -28.66 -22.03 0.67
C PHE B 73 -29.83 -21.09 0.86
N GLY B 74 -30.77 -21.10 -0.09
CA GLY B 74 -31.96 -20.26 -0.04
C GLY B 74 -31.65 -18.79 0.17
N GLN B 75 -32.28 -18.20 1.17
CA GLN B 75 -31.96 -16.84 1.61
C GLN B 75 -31.26 -16.83 2.98
N GLY B 76 -30.38 -17.82 3.18
CA GLY B 76 -29.55 -17.87 4.37
C GLY B 76 -28.52 -16.75 4.45
N LEU B 77 -27.69 -16.81 5.48
CA LEU B 77 -26.79 -15.72 5.80
C LEU B 77 -25.78 -15.35 4.68
N VAL B 78 -25.29 -16.35 3.95
CA VAL B 78 -24.38 -16.10 2.82
C VAL B 78 -25.17 -15.47 1.67
N SER B 79 -26.24 -16.13 1.27
CA SER B 79 -26.88 -15.87 -0.02
C SER B 79 -27.93 -14.75 -0.03
N GLU B 80 -28.37 -14.32 1.15
CA GLU B 80 -29.26 -13.14 1.25
C GLU B 80 -28.50 -11.87 0.89
N CYS B 81 -29.04 -11.12 -0.08
CA CYS B 81 -28.36 -9.91 -0.56
C CYS B 81 -28.97 -8.58 -0.10
N ASN B 82 -30.29 -8.57 0.12
CA ASN B 82 -30.96 -7.37 0.55
C ASN B 82 -30.49 -6.99 1.96
N TYR B 83 -30.00 -5.77 2.13
CA TYR B 83 -29.37 -5.36 3.38
C TYR B 83 -30.24 -5.61 4.62
N GLU B 84 -31.36 -4.89 4.75
CA GLU B 84 -32.16 -4.95 5.98
C GLU B 84 -32.44 -6.39 6.40
N ARG B 85 -32.77 -7.23 5.42
CA ARG B 85 -33.11 -8.64 5.69
C ARG B 85 -31.92 -9.45 6.24
N TRP B 86 -30.77 -9.34 5.56
CA TRP B 86 -29.50 -9.90 6.07
C TRP B 86 -29.13 -9.36 7.46
N HIS B 87 -29.34 -8.06 7.68
CA HIS B 87 -28.95 -7.41 8.95
C HIS B 87 -29.79 -7.94 10.11
N LYS B 88 -31.04 -8.30 9.81
CA LYS B 88 -31.94 -8.92 10.79
C LYS B 88 -31.35 -10.24 11.35
N GLN B 89 -30.94 -11.13 10.45
CA GLN B 89 -30.27 -12.39 10.84
C GLN B 89 -28.89 -12.17 11.46
N ARG B 90 -28.04 -11.40 10.78
CA ARG B 90 -26.67 -11.19 11.26
C ARG B 90 -26.65 -10.82 12.75
N ARG B 91 -27.36 -9.75 13.10
CA ARG B 91 -27.43 -9.26 14.49
C ARG B 91 -27.77 -10.36 15.53
N VAL B 92 -28.73 -11.21 15.20
CA VAL B 92 -29.11 -12.37 16.04
C VAL B 92 -28.02 -13.46 16.05
N ILE B 93 -27.59 -13.90 14.86
CA ILE B 93 -26.57 -14.97 14.79
C ILE B 93 -25.23 -14.53 15.41
N ASP B 94 -24.98 -13.23 15.37
CA ASP B 94 -23.75 -12.65 15.93
C ASP B 94 -23.41 -13.05 17.37
N LEU B 95 -24.45 -13.26 18.18
CA LEU B 95 -24.30 -13.63 19.58
C LEU B 95 -23.64 -15.00 19.75
N ALA B 96 -23.89 -15.90 18.81
CA ALA B 96 -23.22 -17.20 18.77
C ALA B 96 -21.73 -17.14 18.53
N PHE B 97 -21.23 -15.95 18.21
CA PHE B 97 -19.81 -15.77 17.92
C PHE B 97 -19.08 -14.82 18.82
N SER B 98 -19.63 -14.59 20.02
CA SER B 98 -18.96 -13.71 21.00
C SER B 98 -17.66 -14.34 21.43
N ARG B 99 -16.78 -13.52 22.00
CA ARG B 99 -15.50 -14.02 22.52
C ARG B 99 -15.75 -15.19 23.48
N SER B 100 -16.75 -15.04 24.32
CA SER B 100 -17.11 -16.08 25.30
C SER B 100 -17.75 -17.35 24.70
N SER B 101 -18.46 -17.22 23.58
CA SER B 101 -19.00 -18.39 22.88
C SER B 101 -17.85 -19.21 22.23
N LEU B 102 -16.91 -18.50 21.62
CA LEU B 102 -15.80 -19.15 20.93
C LEU B 102 -14.87 -19.88 21.90
N VAL B 103 -14.56 -19.22 23.03
CA VAL B 103 -13.77 -19.85 24.10
C VAL B 103 -14.38 -21.18 24.50
N SER B 104 -15.71 -21.23 24.53
CA SER B 104 -16.44 -22.43 24.94
C SER B 104 -16.34 -23.60 23.94
N LEU B 105 -15.77 -23.32 22.77
CA LEU B 105 -15.66 -24.28 21.68
C LEU B 105 -14.30 -24.96 21.65
N MET B 106 -13.36 -24.44 22.45
CA MET B 106 -11.99 -24.98 22.51
C MET B 106 -11.93 -26.46 22.80
N GLU B 107 -12.90 -26.95 23.58
CA GLU B 107 -12.99 -28.37 23.90
C GLU B 107 -13.27 -29.21 22.65
N THR B 108 -14.28 -28.79 21.88
CA THR B 108 -14.62 -29.47 20.61
C THR B 108 -13.45 -29.46 19.64
N PHE B 109 -12.81 -28.30 19.49
CA PHE B 109 -11.62 -28.15 18.66
C PHE B 109 -10.49 -29.11 19.08
N ASN B 110 -10.26 -29.20 20.39
CA ASN B 110 -9.18 -30.04 20.93
C ASN B 110 -9.49 -31.52 20.71
N GLU B 111 -10.76 -31.88 20.93
CA GLU B 111 -11.21 -33.26 20.81
C GLU B 111 -11.07 -33.81 19.39
N LYS B 112 -11.62 -33.09 18.42
CA LYS B 112 -11.50 -33.51 17.01
C LYS B 112 -10.07 -33.48 16.49
N ALA B 113 -9.32 -32.46 16.86
CA ALA B 113 -7.93 -32.41 16.44
C ALA B 113 -7.15 -33.60 16.99
N GLU B 114 -7.49 -34.03 18.21
CA GLU B 114 -6.73 -35.10 18.88
C GLU B 114 -7.11 -36.40 18.24
N GLN B 115 -8.41 -36.55 18.01
CA GLN B 115 -8.91 -37.73 17.30
C GLN B 115 -8.23 -37.85 15.96
N LEU B 116 -8.17 -36.76 15.21
CA LEU B 116 -7.46 -36.75 13.93
C LEU B 116 -6.02 -37.26 14.02
N VAL B 117 -5.26 -36.72 14.97
CA VAL B 117 -3.84 -37.08 15.11
C VAL B 117 -3.58 -38.57 15.45
N GLU B 118 -4.42 -39.13 16.30
CA GLU B 118 -4.32 -40.57 16.65
C GLU B 118 -4.60 -41.49 15.45
N ILE B 119 -5.66 -41.19 14.69
CA ILE B 119 -5.95 -41.90 13.44
C ILE B 119 -4.74 -41.86 12.52
N LEU B 120 -4.23 -40.66 12.27
CA LEU B 120 -3.00 -40.50 11.52
C LEU B 120 -1.77 -41.18 12.10
N GLU B 121 -1.58 -41.08 13.40
CA GLU B 121 -0.45 -41.77 14.05
C GLU B 121 -0.56 -43.31 13.90
N ALA B 122 -1.79 -43.79 13.79
CA ALA B 122 -2.07 -45.22 13.56
C ALA B 122 -1.59 -45.68 12.17
N LYS B 123 -1.54 -44.74 11.23
CA LYS B 123 -1.12 -45.03 9.85
C LYS B 123 0.30 -44.58 9.56
N ALA B 124 1.00 -44.15 10.61
CA ALA B 124 2.27 -43.44 10.46
C ALA B 124 3.50 -44.35 10.28
N ASP B 125 3.45 -45.17 9.23
CA ASP B 125 4.50 -46.16 8.97
C ASP B 125 5.45 -45.67 7.89
N GLY B 126 5.01 -44.66 7.14
CA GLY B 126 5.85 -44.07 6.10
C GLY B 126 5.67 -44.68 4.72
N GLN B 127 4.64 -45.51 4.57
CA GLN B 127 4.37 -46.17 3.29
C GLN B 127 2.87 -46.27 3.02
N THR B 128 2.06 -45.94 4.02
CA THR B 128 0.62 -45.92 3.87
C THR B 128 0.16 -44.55 3.37
N PRO B 129 -0.32 -44.49 2.11
CA PRO B 129 -0.84 -43.25 1.55
C PRO B 129 -2.14 -42.85 2.22
N VAL B 130 -2.22 -41.58 2.62
CA VAL B 130 -3.40 -41.05 3.30
C VAL B 130 -3.75 -39.74 2.62
N SER B 131 -5.01 -39.60 2.23
CA SER B 131 -5.48 -38.34 1.66
C SER B 131 -5.67 -37.35 2.79
N MET B 132 -4.85 -36.32 2.81
CA MET B 132 -4.97 -35.28 3.85
C MET B 132 -6.14 -34.37 3.55
N GLN B 133 -6.50 -34.27 2.28
CA GLN B 133 -7.73 -33.56 1.89
C GLN B 133 -9.04 -34.17 2.45
N ASP B 134 -9.17 -35.50 2.37
CA ASP B 134 -10.30 -36.18 2.95
C ASP B 134 -10.22 -36.13 4.49
N MET B 135 -9.03 -36.35 5.03
CA MET B 135 -8.85 -36.44 6.48
C MET B 135 -9.24 -35.11 7.06
N LEU B 136 -8.67 -34.02 6.53
CA LEU B 136 -9.03 -32.67 7.00
C LEU B 136 -10.50 -32.28 6.76
N THR B 137 -11.06 -32.69 5.63
CA THR B 137 -12.52 -32.55 5.48
C THR B 137 -13.37 -33.16 6.60
N TYR B 138 -13.06 -34.40 6.96
CA TYR B 138 -13.78 -35.10 8.06
C TYR B 138 -13.63 -34.33 9.36
N THR B 139 -12.42 -33.84 9.63
CA THR B 139 -12.18 -33.11 10.88
C THR B 139 -13.03 -31.85 10.93
N ALA B 140 -13.00 -31.08 9.85
CA ALA B 140 -13.72 -29.78 9.81
C ALA B 140 -15.21 -29.98 9.93
N MET B 141 -15.69 -31.07 9.34
CA MET B 141 -17.11 -31.38 9.42
C MET B 141 -17.48 -31.87 10.83
N ASP B 142 -16.69 -32.80 11.38
CA ASP B 142 -16.90 -33.26 12.77
C ASP B 142 -16.90 -32.06 13.75
N ILE B 143 -15.90 -31.19 13.64
CA ILE B 143 -15.87 -29.96 14.45
C ILE B 143 -17.17 -29.14 14.31
N LEU B 144 -17.56 -28.86 13.06
CA LEU B 144 -18.67 -27.96 12.82
C LEU B 144 -19.97 -28.55 13.35
N ALA B 145 -20.25 -29.80 13.03
CA ALA B 145 -21.51 -30.43 13.45
C ALA B 145 -21.71 -30.42 14.98
N LYS B 146 -20.64 -30.72 15.72
CA LYS B 146 -20.69 -30.67 17.19
C LYS B 146 -20.75 -29.22 17.70
N ALA B 147 -19.83 -28.39 17.24
CA ALA B 147 -19.76 -27.01 17.70
C ALA B 147 -21.02 -26.19 17.38
N ALA B 148 -21.55 -26.33 16.16
CA ALA B 148 -22.69 -25.50 15.76
C ALA B 148 -24.05 -26.07 16.13
N PHE B 149 -24.23 -27.38 15.93
CA PHE B 149 -25.51 -28.03 16.13
C PHE B 149 -25.62 -29.05 17.28
N GLY B 150 -24.52 -29.35 17.96
CA GLY B 150 -24.53 -30.31 19.10
C GLY B 150 -24.57 -31.77 18.69
N MET B 151 -24.24 -32.03 17.42
CA MET B 151 -24.41 -33.37 16.86
C MET B 151 -23.06 -33.96 16.48
N GLU B 152 -22.92 -35.27 16.70
CA GLU B 152 -21.68 -35.97 16.38
C GLU B 152 -21.82 -36.74 15.04
N THR B 153 -21.07 -36.31 14.03
CA THR B 153 -21.13 -36.94 12.73
C THR B 153 -20.15 -38.09 12.67
N SER B 154 -19.08 -37.98 13.47
CA SER B 154 -18.07 -39.02 13.58
C SER B 154 -17.49 -39.53 12.24
N MET B 155 -17.28 -38.60 11.31
CA MET B 155 -16.71 -38.95 10.03
C MET B 155 -15.28 -39.44 10.16
N LEU B 156 -14.53 -38.87 11.09
CA LEU B 156 -13.21 -39.41 11.41
C LEU B 156 -13.26 -40.92 11.72
N LEU B 157 -14.36 -41.38 12.33
CA LEU B 157 -14.48 -42.79 12.73
C LEU B 157 -15.20 -43.68 11.67
N GLY B 158 -15.30 -43.16 10.45
CA GLY B 158 -15.85 -43.92 9.31
C GLY B 158 -17.36 -43.82 9.16
N ALA B 159 -17.98 -43.03 10.02
CA ALA B 159 -19.44 -42.94 10.05
C ALA B 159 -20.02 -41.95 9.03
N GLN B 160 -21.34 -42.02 8.83
CA GLN B 160 -22.07 -41.03 8.01
C GLN B 160 -21.58 -40.93 6.57
N LYS B 161 -21.22 -42.07 5.99
CA LYS B 161 -20.75 -42.13 4.59
C LYS B 161 -21.69 -41.52 3.54
N PRO B 162 -23.00 -41.80 3.63
CA PRO B 162 -23.99 -41.11 2.78
C PRO B 162 -23.94 -39.59 2.89
N LEU B 163 -24.01 -39.05 4.11
CA LEU B 163 -23.90 -37.60 4.32
C LEU B 163 -22.67 -37.02 3.63
N SER B 164 -21.54 -37.71 3.80
CA SER B 164 -20.28 -37.28 3.22
C SER B 164 -20.39 -37.23 1.69
N GLN B 165 -20.92 -38.31 1.10
CA GLN B 165 -21.18 -38.35 -0.34
C GLN B 165 -22.18 -37.29 -0.79
N ALA B 166 -23.19 -37.00 0.03
CA ALA B 166 -24.16 -35.93 -0.27
C ALA B 166 -23.51 -34.55 -0.45
N VAL B 167 -22.60 -34.20 0.45
CA VAL B 167 -21.89 -32.91 0.37
C VAL B 167 -21.02 -32.91 -0.89
N LYS B 168 -20.34 -34.03 -1.15
CA LYS B 168 -19.53 -34.15 -2.36
C LYS B 168 -20.33 -33.78 -3.59
N LEU B 169 -21.46 -34.47 -3.78
CA LEU B 169 -22.32 -34.25 -4.95
C LEU B 169 -22.93 -32.85 -5.01
N MET B 170 -23.36 -32.33 -3.87
CA MET B 170 -23.92 -30.99 -3.80
C MET B 170 -22.92 -29.91 -4.30
N LEU B 171 -21.67 -29.99 -3.85
CA LEU B 171 -20.63 -29.06 -4.28
C LEU B 171 -20.36 -29.14 -5.80
N GLU B 172 -20.32 -30.36 -6.32
CA GLU B 172 -20.17 -30.59 -7.75
C GLU B 172 -21.35 -29.97 -8.49
N GLY B 173 -22.53 -30.11 -7.90
CA GLY B 173 -23.73 -29.45 -8.42
C GLY B 173 -23.59 -27.95 -8.53
N ILE B 174 -23.03 -27.31 -7.49
CA ILE B 174 -22.87 -25.86 -7.48
C ILE B 174 -21.94 -25.45 -8.61
N THR B 175 -20.89 -26.24 -8.80
CA THR B 175 -19.89 -26.00 -9.84
C THR B 175 -20.52 -26.00 -11.23
N ALA B 176 -21.08 -27.15 -11.61
CA ALA B 176 -21.67 -27.33 -12.94
C ALA B 176 -22.74 -26.28 -13.23
N SER B 177 -23.53 -25.96 -12.20
CA SER B 177 -24.55 -24.92 -12.30
C SER B 177 -23.94 -23.58 -12.74
N ARG B 178 -22.78 -23.26 -12.19
CA ARG B 178 -22.08 -22.02 -12.50
C ARG B 178 -21.20 -22.11 -13.75
N ASN B 179 -21.00 -23.32 -14.27
CA ASN B 179 -20.20 -23.53 -15.48
C ASN B 179 -20.92 -24.40 -16.53
N THR B 180 -22.01 -23.88 -17.10
CA THR B 180 -22.87 -24.64 -18.04
C THR B 180 -23.39 -25.94 -17.37
N LYS B 188 -25.93 -34.54 -17.18
CA LYS B 188 -25.85 -35.94 -17.61
C LYS B 188 -26.84 -36.81 -16.82
N ARG B 189 -28.11 -36.76 -17.21
CA ARG B 189 -29.23 -37.41 -16.48
C ARG B 189 -29.07 -37.88 -15.01
N LYS B 190 -28.07 -38.72 -14.74
CA LYS B 190 -27.86 -39.26 -13.39
C LYS B 190 -27.30 -38.26 -12.36
N GLN B 191 -26.21 -37.57 -12.69
CA GLN B 191 -25.61 -36.59 -11.76
C GLN B 191 -26.62 -35.51 -11.45
N LEU B 192 -27.51 -35.25 -12.39
CA LEU B 192 -28.55 -34.25 -12.19
C LEU B 192 -29.52 -34.68 -11.07
N ARG B 193 -29.89 -35.96 -11.06
CA ARG B 193 -30.82 -36.48 -10.06
C ARG B 193 -30.08 -36.73 -8.74
N GLU B 194 -28.85 -37.19 -8.82
CA GLU B 194 -28.01 -37.38 -7.63
C GLU B 194 -27.80 -36.08 -6.85
N VAL B 195 -27.56 -34.98 -7.57
CA VAL B 195 -27.37 -33.68 -6.96
C VAL B 195 -28.65 -33.21 -6.27
N ARG B 196 -29.78 -33.41 -6.94
CA ARG B 196 -31.08 -33.10 -6.35
C ARG B 196 -31.37 -33.96 -5.12
N GLU B 197 -31.01 -35.24 -5.21
CA GLU B 197 -31.20 -36.18 -4.10
C GLU B 197 -30.27 -35.83 -2.93
N SER B 198 -29.10 -35.29 -3.25
CA SER B 198 -28.12 -34.94 -2.23
C SER B 198 -28.54 -33.69 -1.47
N ILE B 199 -29.06 -32.71 -2.20
CA ILE B 199 -29.58 -31.48 -1.60
C ILE B 199 -30.80 -31.76 -0.72
N ARG B 200 -31.67 -32.67 -1.16
CA ARG B 200 -32.85 -33.03 -0.38
C ARG B 200 -32.42 -33.77 0.89
N PHE B 201 -31.49 -34.71 0.75
CA PHE B 201 -30.90 -35.41 1.89
C PHE B 201 -30.39 -34.40 2.93
N LEU B 202 -29.65 -33.39 2.45
CA LEU B 202 -28.98 -32.42 3.31
C LEU B 202 -29.95 -31.61 4.16
N ARG B 203 -30.97 -31.05 3.50
CA ARG B 203 -31.99 -30.28 4.19
C ARG B 203 -32.80 -31.19 5.13
N GLN B 204 -32.87 -32.48 4.80
CA GLN B 204 -33.60 -33.48 5.61
C GLN B 204 -32.86 -33.81 6.92
N VAL B 205 -31.54 -33.93 6.84
CA VAL B 205 -30.70 -34.01 8.06
C VAL B 205 -30.99 -32.79 8.92
N GLY B 206 -31.19 -31.64 8.28
CA GLY B 206 -31.45 -30.38 8.95
C GLY B 206 -32.70 -30.44 9.82
N ARG B 207 -33.83 -30.77 9.21
CA ARG B 207 -35.09 -30.82 9.94
C ARG B 207 -35.07 -31.87 11.06
N ASP B 208 -34.37 -32.98 10.83
CA ASP B 208 -34.16 -33.99 11.86
C ASP B 208 -33.36 -33.48 13.05
N TRP B 209 -32.24 -32.80 12.78
CA TRP B 209 -31.40 -32.21 13.84
C TRP B 209 -32.13 -31.07 14.52
N VAL B 210 -32.97 -30.37 13.76
CA VAL B 210 -33.81 -29.31 14.32
C VAL B 210 -34.89 -29.95 15.19
N GLN B 211 -35.47 -31.05 14.68
CA GLN B 211 -36.46 -31.85 15.41
C GLN B 211 -35.87 -32.30 16.74
N ARG B 212 -34.64 -32.82 16.71
CA ARG B 212 -33.98 -33.28 17.93
C ARG B 212 -33.76 -32.19 18.97
N ARG B 213 -33.43 -30.97 18.51
CA ARG B 213 -33.19 -29.85 19.42
C ARG B 213 -34.48 -29.39 20.11
N ARG B 214 -35.56 -29.28 19.35
CA ARG B 214 -36.85 -28.81 19.87
C ARG B 214 -37.47 -29.82 20.84
N GLU B 215 -37.31 -31.10 20.54
CA GLU B 215 -37.80 -32.17 21.40
C GLU B 215 -37.04 -32.20 22.72
N ALA B 216 -35.72 -31.98 22.67
CA ALA B 216 -34.91 -31.90 23.88
C ALA B 216 -35.28 -30.69 24.72
N LEU B 217 -35.69 -29.61 24.06
CA LEU B 217 -36.12 -28.41 24.77
C LEU B 217 -37.56 -28.56 25.31
N LYS B 218 -38.33 -29.46 24.69
CA LYS B 218 -39.71 -29.78 25.15
C LYS B 218 -39.76 -30.77 26.32
N ARG B 219 -38.63 -31.40 26.63
CA ARG B 219 -38.49 -32.23 27.82
C ARG B 219 -37.78 -31.45 28.92
N GLY B 220 -37.56 -30.16 28.67
CA GLY B 220 -36.90 -29.28 29.62
C GLY B 220 -35.44 -29.61 29.91
N GLU B 221 -34.66 -29.86 28.85
CA GLU B 221 -33.23 -30.06 29.01
C GLU B 221 -32.47 -28.75 28.92
N GLU B 222 -31.32 -28.69 29.58
CA GLU B 222 -30.48 -27.50 29.55
C GLU B 222 -29.47 -27.66 28.41
N VAL B 223 -29.81 -27.11 27.25
CA VAL B 223 -28.93 -27.16 26.08
C VAL B 223 -28.06 -25.91 26.02
N PRO B 224 -26.74 -26.09 26.15
CA PRO B 224 -25.80 -24.98 25.99
C PRO B 224 -26.07 -24.22 24.68
N ALA B 225 -26.06 -22.90 24.76
CA ALA B 225 -26.29 -22.03 23.60
C ALA B 225 -25.21 -22.17 22.52
N ASP B 226 -25.65 -22.35 21.28
CA ASP B 226 -24.74 -22.48 20.14
C ASP B 226 -25.26 -21.73 18.89
N ILE B 227 -24.75 -22.10 17.71
CA ILE B 227 -25.18 -21.50 16.44
C ILE B 227 -26.61 -21.87 16.10
N LEU B 228 -26.96 -23.12 16.37
CA LEU B 228 -28.33 -23.58 16.14
C LEU B 228 -29.31 -22.76 16.97
N THR B 229 -28.92 -22.43 18.19
CA THR B 229 -29.76 -21.66 19.10
C THR B 229 -30.09 -20.32 18.46
N GLN B 230 -29.08 -19.67 17.87
CA GLN B 230 -29.27 -18.36 17.26
C GLN B 230 -29.93 -18.40 15.89
N ILE B 231 -29.86 -19.54 15.19
CA ILE B 231 -30.53 -19.63 13.88
C ILE B 231 -32.01 -19.94 14.05
N LEU B 232 -32.33 -20.70 15.10
CA LEU B 232 -33.72 -20.90 15.51
C LEU B 232 -34.33 -19.60 15.94
N LYS B 233 -33.61 -18.85 16.78
CA LYS B 233 -34.08 -17.56 17.31
C LYS B 233 -34.38 -16.52 16.23
N ALA B 234 -33.55 -16.52 15.18
CA ALA B 234 -33.73 -15.60 14.06
C ALA B 234 -35.01 -15.89 13.27
N GLU B 235 -35.55 -17.09 13.43
CA GLU B 235 -36.76 -17.50 12.68
C GLU B 235 -38.06 -17.61 13.50
N GLU B 236 -38.25 -16.69 14.44
CA GLU B 236 -39.44 -16.71 15.31
C GLU B 236 -40.82 -16.83 14.62
N GLY B 237 -41.22 -15.76 13.94
CA GLY B 237 -42.53 -15.73 13.29
C GLY B 237 -42.48 -16.28 11.87
N ALA B 238 -42.09 -17.54 11.74
CA ALA B 238 -41.98 -18.18 10.45
C ALA B 238 -43.11 -19.16 10.21
N GLN B 239 -43.80 -19.00 9.07
CA GLN B 239 -44.89 -19.89 8.68
C GLN B 239 -44.40 -21.32 8.50
N ASP B 240 -43.11 -21.46 8.22
CA ASP B 240 -42.49 -22.77 8.02
C ASP B 240 -41.03 -22.73 8.46
N ASP B 241 -40.36 -23.86 8.36
CA ASP B 241 -38.97 -23.98 8.80
C ASP B 241 -37.96 -23.70 7.67
N GLU B 242 -38.47 -23.36 6.50
CA GLU B 242 -37.66 -23.16 5.30
C GLU B 242 -36.49 -22.15 5.45
N GLY B 243 -36.76 -21.04 6.13
CA GLY B 243 -35.69 -20.09 6.48
C GLY B 243 -34.62 -20.72 7.36
N LEU B 244 -35.06 -21.32 8.46
CA LEU B 244 -34.16 -22.02 9.36
C LEU B 244 -33.30 -23.08 8.67
N LEU B 245 -33.92 -23.89 7.82
CA LEU B 245 -33.18 -24.89 7.04
C LEU B 245 -32.18 -24.23 6.02
N ASP B 246 -32.54 -23.05 5.53
CA ASP B 246 -31.63 -22.28 4.67
C ASP B 246 -30.36 -22.06 5.50
N ASN B 247 -30.55 -21.53 6.71
CA ASN B 247 -29.44 -21.26 7.60
C ASN B 247 -28.75 -22.51 8.15
N PHE B 248 -29.48 -23.63 8.19
CA PHE B 248 -28.85 -24.91 8.55
C PHE B 248 -27.84 -25.37 7.50
N VAL B 249 -28.27 -25.41 6.25
CA VAL B 249 -27.36 -25.82 5.16
C VAL B 249 -26.22 -24.81 5.01
N THR B 250 -26.54 -23.52 5.16
CA THR B 250 -25.53 -22.44 5.07
C THR B 250 -24.37 -22.71 6.01
N PHE B 251 -24.68 -22.92 7.29
CA PHE B 251 -23.64 -23.14 8.28
C PHE B 251 -22.98 -24.50 8.16
N PHE B 252 -23.75 -25.51 7.77
CA PHE B 252 -23.22 -26.87 7.58
C PHE B 252 -22.12 -26.94 6.53
N ILE B 253 -22.26 -26.12 5.48
CA ILE B 253 -21.33 -26.13 4.37
C ILE B 253 -20.25 -25.09 4.56
N ALA B 254 -20.67 -23.85 4.79
CA ALA B 254 -19.76 -22.74 4.93
C ALA B 254 -18.93 -22.87 6.22
N GLY B 255 -19.37 -23.71 7.14
CA GLY B 255 -18.72 -23.84 8.44
C GLY B 255 -17.63 -24.87 8.44
N HIS B 256 -17.57 -25.69 7.39
CA HIS B 256 -16.51 -26.67 7.28
C HIS B 256 -15.74 -26.66 5.97
N GLU B 257 -16.32 -26.19 4.87
CA GLU B 257 -15.69 -26.44 3.57
C GLU B 257 -14.41 -25.59 3.37
N THR B 258 -14.54 -24.29 3.63
CA THR B 258 -13.44 -23.38 3.44
C THR B 258 -12.34 -23.67 4.48
N SER B 259 -12.71 -24.07 5.69
CA SER B 259 -11.73 -24.40 6.73
C SER B 259 -10.95 -25.63 6.34
N ALA B 260 -11.64 -26.65 5.82
CA ALA B 260 -10.97 -27.87 5.32
C ALA B 260 -10.02 -27.60 4.14
N ASN B 261 -10.50 -26.85 3.15
CA ASN B 261 -9.64 -26.43 2.01
C ASN B 261 -8.37 -25.68 2.52
N HIS B 262 -8.56 -24.75 3.46
CA HIS B 262 -7.45 -23.88 3.95
C HIS B 262 -6.40 -24.78 4.56
N LEU B 263 -6.84 -25.70 5.41
CA LEU B 263 -5.95 -26.66 6.04
C LEU B 263 -5.23 -27.55 5.03
N ALA B 264 -5.94 -28.00 4.01
CA ALA B 264 -5.35 -28.91 3.00
C ALA B 264 -4.33 -28.18 2.13
N PHE B 265 -4.60 -26.92 1.83
CA PHE B 265 -3.66 -26.11 1.05
C PHE B 265 -2.40 -25.89 1.89
N THR B 266 -2.57 -25.69 3.20
CA THR B 266 -1.44 -25.42 4.11
C THR B 266 -0.56 -26.64 4.31
N VAL B 267 -1.18 -27.79 4.59
CA VAL B 267 -0.46 -29.06 4.62
C VAL B 267 0.29 -29.33 3.32
N MET B 268 -0.39 -29.14 2.19
CA MET B 268 0.23 -29.31 0.87
C MET B 268 1.48 -28.41 0.69
N GLU B 269 1.36 -27.13 1.01
CA GLU B 269 2.48 -26.21 0.81
C GLU B 269 3.62 -26.54 1.75
N LEU B 270 3.28 -26.82 3.01
CA LEU B 270 4.29 -27.12 4.04
C LEU B 270 5.17 -28.35 3.77
N SER B 271 4.69 -29.26 2.92
CA SER B 271 5.45 -30.45 2.53
C SER B 271 6.70 -30.13 1.73
N ARG B 272 6.73 -28.97 1.09
CA ARG B 272 7.87 -28.56 0.29
C ARG B 272 8.55 -27.30 0.85
N GLN B 273 8.40 -27.11 2.16
CA GLN B 273 8.95 -25.96 2.88
C GLN B 273 9.62 -26.40 4.19
N PRO B 274 10.68 -27.21 4.09
CA PRO B 274 11.27 -27.81 5.29
C PRO B 274 11.77 -26.80 6.33
N GLU B 275 12.36 -25.69 5.87
CA GLU B 275 12.82 -24.65 6.81
C GLU B 275 11.66 -24.05 7.60
N ILE B 276 10.55 -23.76 6.92
CA ILE B 276 9.37 -23.20 7.59
C ILE B 276 8.82 -24.16 8.65
N VAL B 277 8.76 -25.44 8.31
CA VAL B 277 8.30 -26.48 9.23
C VAL B 277 9.14 -26.54 10.54
N ALA B 278 10.45 -26.43 10.42
CA ALA B 278 11.34 -26.45 11.59
C ALA B 278 11.06 -25.28 12.49
N ARG B 279 10.90 -24.08 11.90
CA ARG B 279 10.48 -22.90 12.65
C ARG B 279 9.12 -23.13 13.32
N LEU B 280 8.16 -23.68 12.58
CA LEU B 280 6.88 -24.04 13.17
C LEU B 280 7.04 -25.05 14.31
N GLN B 281 7.90 -26.04 14.11
CA GLN B 281 8.11 -27.08 15.14
C GLN B 281 8.76 -26.45 16.37
N ALA B 282 9.78 -25.62 16.13
CA ALA B 282 10.43 -24.86 17.22
C ALA B 282 9.39 -24.11 18.04
N GLU B 283 8.50 -23.35 17.38
CA GLU B 283 7.46 -22.58 18.07
C GLU B 283 6.41 -23.38 18.86
N VAL B 284 6.01 -24.51 18.29
CA VAL B 284 5.06 -25.38 18.95
C VAL B 284 5.69 -25.92 20.25
N ASP B 285 6.96 -26.30 20.16
CA ASP B 285 7.71 -26.77 21.32
C ASP B 285 7.72 -25.74 22.47
N GLU B 286 8.04 -24.48 22.17
CA GLU B 286 8.07 -23.42 23.20
C GLU B 286 6.73 -23.14 23.90
N VAL B 287 5.68 -22.84 23.13
CA VAL B 287 4.41 -22.37 23.72
C VAL B 287 3.47 -23.43 24.33
N ILE B 288 3.38 -24.59 23.70
CA ILE B 288 2.51 -25.66 24.20
C ILE B 288 3.30 -26.86 24.72
N GLY B 289 4.45 -27.14 24.10
CA GLY B 289 5.30 -28.26 24.49
C GLY B 289 4.84 -29.60 23.92
N SER B 290 4.72 -30.58 24.81
CA SER B 290 4.10 -31.87 24.48
C SER B 290 2.71 -31.92 25.14
N LYS B 291 2.26 -30.77 25.62
CA LYS B 291 0.92 -30.64 26.19
C LYS B 291 -0.14 -31.21 25.24
N ARG B 292 -1.20 -31.77 25.82
CA ARG B 292 -2.22 -32.45 25.02
C ARG B 292 -3.36 -31.51 24.67
N TYR B 293 -3.72 -30.63 25.60
CA TYR B 293 -4.84 -29.72 25.42
C TYR B 293 -4.37 -28.28 25.23
N LEU B 294 -4.83 -27.65 24.15
CA LEU B 294 -4.50 -26.25 23.91
C LEU B 294 -5.52 -25.34 24.58
N ASP B 295 -5.05 -24.41 25.41
CA ASP B 295 -5.94 -23.45 26.08
C ASP B 295 -6.20 -22.31 25.10
N PHE B 296 -7.26 -21.54 25.30
CA PHE B 296 -7.52 -20.37 24.46
C PHE B 296 -6.29 -19.48 24.38
N GLU B 297 -5.65 -19.25 25.53
CA GLU B 297 -4.48 -18.37 25.60
C GLU B 297 -3.26 -18.86 24.81
N ASP B 298 -3.13 -20.18 24.67
CA ASP B 298 -2.06 -20.78 23.88
C ASP B 298 -2.08 -20.28 22.42
N LEU B 299 -3.26 -20.20 21.83
CA LEU B 299 -3.44 -19.78 20.40
C LEU B 299 -2.79 -18.46 20.02
N GLY B 300 -3.05 -17.44 20.82
CA GLY B 300 -2.49 -16.11 20.58
C GLY B 300 -0.98 -16.08 20.51
N ARG B 301 -0.34 -17.02 21.20
CA ARG B 301 1.14 -17.02 21.28
C ARG B 301 1.75 -17.76 20.11
N LEU B 302 0.92 -18.55 19.42
CA LEU B 302 1.37 -19.21 18.19
C LEU B 302 1.44 -18.19 17.04
N GLN B 303 2.42 -17.30 17.11
CA GLN B 303 2.55 -16.16 16.19
C GLN B 303 3.09 -16.50 14.79
N TYR B 304 4.19 -17.24 14.70
CA TYR B 304 4.74 -17.70 13.39
C TYR B 304 3.75 -18.59 12.59
N LEU B 305 3.00 -19.41 13.32
CA LEU B 305 1.94 -20.25 12.72
C LEU B 305 0.79 -19.37 12.18
N SER B 306 0.36 -18.41 12.99
CA SER B 306 -0.52 -17.37 12.50
C SER B 306 -0.01 -16.72 11.18
N GLN B 307 1.29 -16.44 11.09
CA GLN B 307 1.89 -15.89 9.86
C GLN B 307 1.88 -16.86 8.66
N VAL B 308 2.11 -18.14 8.94
CA VAL B 308 2.13 -19.19 7.88
C VAL B 308 0.70 -19.36 7.29
N LEU B 309 -0.29 -19.39 8.17
CA LEU B 309 -1.72 -19.46 7.81
C LEU B 309 -2.23 -18.23 7.01
N LYS B 310 -1.82 -17.03 7.43
CA LYS B 310 -2.04 -15.83 6.63
C LYS B 310 -1.44 -15.90 5.22
N GLU B 311 -0.21 -16.38 5.12
CA GLU B 311 0.46 -16.51 3.84
C GLU B 311 -0.17 -17.62 2.97
N SER B 312 -0.67 -18.68 3.62
CA SER B 312 -1.37 -19.74 2.92
C SER B 312 -2.63 -19.15 2.26
N LEU B 313 -3.41 -18.40 3.04
CA LEU B 313 -4.59 -17.67 2.52
C LEU B 313 -4.35 -16.65 1.42
N ARG B 314 -3.18 -16.03 1.40
CA ARG B 314 -2.85 -15.02 0.35
C ARG B 314 -2.75 -15.70 -1.02
N LEU B 315 -1.97 -16.76 -1.08
CA LEU B 315 -1.82 -17.58 -2.30
C LEU B 315 -2.93 -18.58 -2.62
N TYR B 316 -3.48 -19.18 -1.56
CA TYR B 316 -4.58 -20.15 -1.71
C TYR B 316 -5.88 -19.80 -0.96
N PRO B 317 -6.56 -18.72 -1.30
CA PRO B 317 -7.84 -18.40 -0.62
C PRO B 317 -8.97 -19.31 -1.13
N PRO B 318 -9.56 -20.12 -0.22
CA PRO B 318 -10.63 -21.04 -0.59
C PRO B 318 -11.78 -20.31 -1.18
N ALA B 319 -12.13 -19.15 -0.62
CA ALA B 319 -13.16 -18.29 -1.17
C ALA B 319 -12.46 -17.10 -1.84
N TRP B 320 -12.35 -17.15 -3.17
CA TRP B 320 -11.51 -16.20 -3.88
C TRP B 320 -12.00 -14.75 -3.83
N GLY B 321 -13.27 -14.55 -3.47
CA GLY B 321 -13.78 -13.19 -3.34
C GLY B 321 -15.28 -12.97 -3.23
N THR B 322 -15.75 -11.87 -3.81
CA THR B 322 -17.14 -11.46 -3.60
C THR B 322 -17.68 -10.57 -4.71
N PHE B 323 -18.98 -10.32 -4.70
CA PHE B 323 -19.59 -9.38 -5.62
C PHE B 323 -20.37 -8.31 -4.90
N ARG B 324 -20.27 -7.08 -5.39
CA ARG B 324 -21.19 -6.02 -5.01
C ARG B 324 -21.98 -5.52 -6.24
N LEU B 325 -23.27 -5.26 -6.05
CA LEU B 325 -24.08 -4.74 -7.15
C LEU B 325 -23.81 -3.24 -7.22
N LEU B 326 -23.40 -2.77 -8.40
CA LEU B 326 -23.22 -1.33 -8.61
C LEU B 326 -24.51 -0.78 -9.24
N GLU B 327 -25.30 -0.06 -8.44
CA GLU B 327 -26.65 0.37 -8.86
C GLU B 327 -26.65 1.42 -9.97
N GLU B 328 -25.77 2.42 -9.85
CA GLU B 328 -25.69 3.52 -10.80
C GLU B 328 -24.38 3.50 -11.60
N GLU B 329 -24.42 4.04 -12.82
CA GLU B 329 -23.20 4.28 -13.59
C GLU B 329 -22.26 5.07 -12.68
N THR B 330 -20.99 4.68 -12.69
CA THR B 330 -20.00 5.29 -11.81
C THR B 330 -18.62 5.29 -12.46
N LEU B 331 -17.77 6.22 -12.04
CA LEU B 331 -16.39 6.29 -12.52
C LEU B 331 -15.49 5.53 -11.56
N ILE B 332 -14.93 4.43 -12.04
CA ILE B 332 -14.03 3.61 -11.22
C ILE B 332 -12.66 3.60 -11.88
N ASP B 333 -11.70 4.27 -11.24
CA ASP B 333 -10.32 4.37 -11.72
C ASP B 333 -10.22 4.92 -13.13
N GLY B 334 -10.95 6.00 -13.38
CA GLY B 334 -10.99 6.62 -14.70
C GLY B 334 -11.74 5.80 -15.72
N VAL B 335 -12.50 4.80 -15.27
CA VAL B 335 -13.31 3.97 -16.17
C VAL B 335 -14.78 4.06 -15.81
N ARG B 336 -15.58 4.44 -16.80
CA ARG B 336 -17.02 4.57 -16.64
C ARG B 336 -17.64 3.17 -16.63
N VAL B 337 -18.25 2.80 -15.52
CA VAL B 337 -18.89 1.50 -15.42
C VAL B 337 -20.41 1.71 -15.42
N PRO B 338 -21.12 1.03 -16.32
CA PRO B 338 -22.56 1.21 -16.44
C PRO B 338 -23.32 0.65 -15.24
N GLY B 339 -24.39 1.36 -14.85
CA GLY B 339 -25.25 0.94 -13.74
C GLY B 339 -25.81 -0.45 -13.87
N ASN B 340 -26.28 -1.00 -12.75
CA ASN B 340 -26.74 -2.38 -12.70
C ASN B 340 -25.66 -3.38 -13.17
N THR B 341 -24.43 -3.15 -12.73
CA THR B 341 -23.32 -4.04 -13.05
C THR B 341 -22.77 -4.70 -11.76
N PRO B 342 -22.68 -6.03 -11.75
CA PRO B 342 -22.00 -6.78 -10.67
C PRO B 342 -20.47 -6.52 -10.65
N LEU B 343 -19.98 -5.94 -9.56
CA LEU B 343 -18.52 -5.80 -9.35
C LEU B 343 -17.92 -7.04 -8.69
N LEU B 344 -16.90 -7.59 -9.33
CA LEU B 344 -16.14 -8.71 -8.78
C LEU B 344 -14.85 -8.23 -8.08
N PHE B 345 -14.66 -8.71 -6.85
CA PHE B 345 -13.45 -8.45 -6.05
C PHE B 345 -12.79 -9.80 -5.81
N SER B 346 -11.48 -9.88 -6.00
CA SER B 346 -10.78 -11.13 -5.88
C SER B 346 -9.54 -11.00 -5.01
N THR B 347 -9.55 -11.65 -3.86
CA THR B 347 -8.34 -11.67 -3.05
C THR B 347 -7.31 -12.60 -3.67
N TYR B 348 -7.78 -13.57 -4.44
CA TYR B 348 -6.87 -14.41 -5.21
C TYR B 348 -6.06 -13.58 -6.20
N VAL B 349 -6.77 -12.76 -6.98
CA VAL B 349 -6.12 -11.94 -8.03
C VAL B 349 -5.08 -10.98 -7.44
N MET B 350 -5.50 -10.17 -6.47
CA MET B 350 -4.62 -9.21 -5.84
C MET B 350 -3.39 -9.83 -5.18
N GLY B 351 -3.55 -10.99 -4.56
CA GLY B 351 -2.47 -11.65 -3.88
C GLY B 351 -1.38 -12.13 -4.80
N ARG B 352 -1.73 -12.31 -6.07
CA ARG B 352 -0.74 -12.74 -7.04
C ARG B 352 -0.22 -11.62 -7.96
N MET B 353 -0.57 -10.36 -7.63
CA MET B 353 -0.07 -9.25 -8.41
C MET B 353 1.21 -8.66 -7.80
N ASP B 354 2.26 -8.60 -8.63
CA ASP B 354 3.55 -8.07 -8.20
C ASP B 354 3.47 -6.57 -7.90
N THR B 355 2.36 -5.97 -8.34
CA THR B 355 2.07 -4.59 -8.03
C THR B 355 1.90 -4.43 -6.52
N TYR B 356 1.39 -5.47 -5.87
CA TYR B 356 1.04 -5.41 -4.44
C TYR B 356 1.89 -6.27 -3.55
N PHE B 357 2.44 -7.34 -4.10
CA PHE B 357 3.23 -8.29 -3.33
C PHE B 357 4.49 -8.58 -4.06
N GLU B 358 5.62 -8.29 -3.41
CA GLU B 358 6.90 -8.54 -4.00
C GLU B 358 7.06 -10.03 -4.11
N ASP B 359 7.65 -10.49 -5.21
CA ASP B 359 7.81 -11.90 -5.49
C ASP B 359 6.56 -12.71 -5.14
N PRO B 360 5.48 -12.49 -5.90
CA PRO B 360 4.14 -12.97 -5.47
C PRO B 360 4.00 -14.48 -5.30
N LEU B 361 4.70 -15.24 -6.15
CA LEU B 361 4.60 -16.71 -6.13
C LEU B 361 5.43 -17.39 -5.03
N THR B 362 6.24 -16.60 -4.33
CA THR B 362 7.04 -17.09 -3.22
C THR B 362 6.23 -17.14 -1.95
N PHE B 363 6.16 -18.34 -1.35
CA PHE B 363 5.52 -18.54 -0.05
C PHE B 363 6.47 -18.01 1.00
N ASN B 364 6.12 -16.87 1.59
CA ASN B 364 7.00 -16.22 2.56
C ASN B 364 6.20 -15.66 3.72
N PRO B 365 6.10 -16.42 4.80
CA PRO B 365 5.35 -15.99 5.98
C PRO B 365 5.89 -14.72 6.61
N ASP B 366 7.16 -14.39 6.35
CA ASP B 366 7.77 -13.14 6.85
C ASP B 366 7.10 -11.87 6.33
N ARG B 367 6.29 -12.00 5.27
CA ARG B 367 5.39 -10.92 4.85
C ARG B 367 4.43 -10.45 5.93
N PHE B 368 4.08 -11.34 6.86
CA PHE B 368 3.14 -11.01 7.92
C PHE B 368 3.86 -10.90 9.28
N GLY B 369 5.18 -10.79 9.22
CA GLY B 369 6.00 -10.65 10.43
C GLY B 369 5.62 -9.43 11.25
N PRO B 370 5.94 -9.46 12.55
CA PRO B 370 5.67 -8.30 13.41
C PRO B 370 6.55 -7.18 12.88
N GLY B 371 5.97 -6.00 12.72
CA GLY B 371 6.71 -4.87 12.14
C GLY B 371 6.38 -4.54 10.70
N ALA B 372 5.93 -5.54 9.93
CA ALA B 372 5.63 -5.29 8.52
C ALA B 372 4.30 -4.57 8.44
N PRO B 373 4.18 -3.53 7.61
CA PRO B 373 2.87 -2.90 7.38
C PRO B 373 1.85 -3.98 6.96
N LYS B 374 0.63 -3.87 7.47
CA LYS B 374 -0.43 -4.80 7.14
C LYS B 374 -0.88 -4.45 5.72
N PRO B 375 -1.21 -5.45 4.90
CA PRO B 375 -1.69 -5.13 3.53
C PRO B 375 -2.85 -4.15 3.60
N ARG B 376 -2.91 -3.20 2.69
CA ARG B 376 -3.98 -2.20 2.72
C ARG B 376 -4.90 -2.55 1.60
N PHE B 377 -5.96 -3.31 1.89
CA PHE B 377 -7.04 -3.59 0.92
C PHE B 377 -6.56 -4.40 -0.29
N THR B 378 -5.47 -5.12 -0.10
CA THR B 378 -4.95 -5.99 -1.14
C THR B 378 -5.06 -7.48 -0.75
N TYR B 379 -5.69 -7.74 0.38
CA TYR B 379 -5.74 -9.07 0.97
C TYR B 379 -6.99 -9.22 1.81
N PHE B 380 -7.85 -10.17 1.41
CA PHE B 380 -9.15 -10.31 2.09
C PHE B 380 -9.76 -11.70 2.05
N PRO B 381 -9.09 -12.66 2.69
CA PRO B 381 -9.50 -14.06 2.58
C PRO B 381 -10.80 -14.40 3.28
N PHE B 382 -11.32 -13.43 4.03
CA PHE B 382 -12.53 -13.56 4.77
C PHE B 382 -13.38 -12.39 4.34
N SER B 383 -13.02 -11.73 3.23
CA SER B 383 -13.71 -10.52 2.80
C SER B 383 -13.51 -9.39 3.81
N LEU B 384 -14.31 -8.34 3.66
CA LEU B 384 -14.12 -7.09 4.38
C LEU B 384 -15.47 -6.41 4.57
N GLY B 385 -15.56 -5.56 5.60
CA GLY B 385 -16.76 -4.73 5.84
C GLY B 385 -17.91 -5.55 6.38
N HIS B 386 -19.15 -5.12 6.13
CA HIS B 386 -20.30 -5.71 6.82
C HIS B 386 -20.62 -7.12 6.39
N ARG B 387 -20.34 -7.44 5.12
CA ARG B 387 -20.49 -8.82 4.64
C ARG B 387 -19.24 -9.72 4.81
N SER B 388 -18.33 -9.32 5.69
CA SER B 388 -17.22 -10.19 6.02
C SER B 388 -17.68 -11.52 6.70
N CYS B 389 -16.77 -12.52 6.70
CA CYS B 389 -17.03 -13.83 7.25
C CYS B 389 -17.33 -13.75 8.74
N ILE B 390 -18.55 -14.14 9.11
CA ILE B 390 -18.95 -14.22 10.52
C ILE B 390 -18.13 -15.28 11.27
N GLY B 391 -17.60 -16.25 10.53
CA GLY B 391 -16.89 -17.38 11.11
C GLY B 391 -15.39 -17.22 11.19
N GLN B 392 -14.88 -16.04 10.85
CA GLN B 392 -13.43 -15.81 10.84
C GLN B 392 -12.70 -16.25 12.11
N GLN B 393 -13.13 -15.74 13.26
CA GLN B 393 -12.40 -16.00 14.51
C GLN B 393 -12.53 -17.49 14.83
N PHE B 394 -13.76 -18.01 14.67
CA PHE B 394 -14.02 -19.46 14.78
C PHE B 394 -13.04 -20.26 13.91
N ALA B 395 -12.84 -19.83 12.65
CA ALA B 395 -12.01 -20.56 11.68
C ALA B 395 -10.53 -20.54 12.06
N GLN B 396 -10.03 -19.33 12.33
CA GLN B 396 -8.67 -19.15 12.74
C GLN B 396 -8.33 -19.95 14.00
N MET B 397 -9.28 -20.07 14.92
CA MET B 397 -9.11 -20.90 16.13
C MET B 397 -9.05 -22.41 15.80
N GLU B 398 -10.09 -22.93 15.16
CA GLU B 398 -10.08 -24.35 14.81
C GLU B 398 -8.86 -24.76 13.99
N VAL B 399 -8.44 -23.93 13.04
CA VAL B 399 -7.31 -24.31 12.18
C VAL B 399 -5.92 -24.22 12.88
N LYS B 400 -5.76 -23.28 13.80
CA LYS B 400 -4.56 -23.28 14.67
C LYS B 400 -4.47 -24.53 15.55
N VAL B 401 -5.61 -24.94 16.11
CA VAL B 401 -5.68 -26.08 17.03
C VAL B 401 -5.35 -27.37 16.29
N VAL B 402 -5.99 -27.58 15.13
CA VAL B 402 -5.57 -28.66 14.22
C VAL B 402 -4.11 -28.58 13.79
N MET B 403 -3.66 -27.44 13.27
CA MET B 403 -2.28 -27.32 12.83
C MET B 403 -1.24 -27.50 13.96
N ALA B 404 -1.53 -26.94 15.13
CA ALA B 404 -0.63 -27.06 16.29
C ALA B 404 -0.40 -28.54 16.64
N LYS B 405 -1.48 -29.31 16.66
CA LYS B 405 -1.41 -30.72 17.04
C LYS B 405 -0.65 -31.58 16.02
N LEU B 406 -0.89 -31.32 14.74
CA LEU B 406 -0.14 -31.99 13.68
C LEU B 406 1.35 -31.73 13.82
N LEU B 407 1.70 -30.47 14.07
CA LEU B 407 3.09 -30.06 14.15
C LEU B 407 3.82 -30.63 15.36
N GLN B 408 3.08 -30.89 16.43
CA GLN B 408 3.62 -31.57 17.61
C GLN B 408 3.99 -33.05 17.35
N ARG B 409 3.20 -33.71 16.49
CA ARG B 409 3.17 -35.17 16.51
C ARG B 409 3.67 -35.85 15.25
N LEU B 410 3.52 -35.20 14.10
CA LEU B 410 3.69 -35.88 12.81
C LEU B 410 4.51 -35.15 11.79
N GLU B 411 5.09 -35.91 10.88
CA GLU B 411 5.76 -35.36 9.71
C GLU B 411 5.14 -36.00 8.48
N PHE B 412 5.00 -35.22 7.42
CA PHE B 412 4.34 -35.67 6.21
C PHE B 412 5.29 -35.60 5.03
N ARG B 413 5.11 -36.54 4.11
CA ARG B 413 5.85 -36.52 2.89
C ARG B 413 4.81 -36.68 1.82
N LEU B 414 4.76 -35.73 0.90
CA LEU B 414 3.84 -35.82 -0.21
C LEU B 414 4.24 -37.01 -1.08
N VAL B 415 3.28 -37.87 -1.41
CA VAL B 415 3.47 -38.99 -2.32
C VAL B 415 3.95 -38.52 -3.72
N PRO B 416 4.98 -39.18 -4.28
CA PRO B 416 5.44 -38.82 -5.62
C PRO B 416 4.29 -38.83 -6.58
N GLY B 417 4.22 -37.82 -7.44
CA GLY B 417 3.14 -37.71 -8.40
C GLY B 417 2.05 -36.74 -7.99
N GLN B 418 1.97 -36.48 -6.68
CA GLN B 418 1.01 -35.50 -6.16
C GLN B 418 1.36 -34.10 -6.65
N ARG B 419 0.39 -33.43 -7.25
CA ARG B 419 0.57 -32.09 -7.78
C ARG B 419 0.19 -30.97 -6.83
N PHE B 420 0.68 -29.77 -7.14
CA PHE B 420 0.42 -28.61 -6.34
C PHE B 420 -0.61 -27.62 -6.88
N GLY B 421 -1.23 -27.96 -8.01
CA GLY B 421 -2.23 -27.08 -8.64
C GLY B 421 -3.57 -26.97 -7.92
N LEU B 422 -4.46 -26.13 -8.44
CA LEU B 422 -5.76 -25.87 -7.83
C LEU B 422 -6.91 -26.30 -8.71
N GLN B 423 -8.05 -26.58 -8.09
CA GLN B 423 -9.30 -26.71 -8.83
C GLN B 423 -10.31 -25.77 -8.22
N GLU B 424 -11.29 -25.33 -9.01
CA GLU B 424 -12.39 -24.58 -8.48
C GLU B 424 -13.73 -25.33 -8.56
N GLN B 425 -14.21 -25.79 -7.39
CA GLN B 425 -15.55 -26.33 -7.26
C GLN B 425 -16.47 -25.19 -6.87
N ALA B 426 -17.08 -25.31 -5.69
CA ALA B 426 -17.78 -24.19 -5.07
C ALA B 426 -16.74 -23.25 -4.43
N THR B 427 -15.54 -23.75 -4.22
CA THR B 427 -14.44 -22.96 -3.65
C THR B 427 -13.16 -23.45 -4.30
N LEU B 428 -12.05 -22.74 -4.08
CA LEU B 428 -10.75 -23.25 -4.49
C LEU B 428 -10.27 -24.32 -3.50
N LYS B 429 -9.62 -25.37 -4.01
CA LYS B 429 -9.10 -26.46 -3.18
C LYS B 429 -8.01 -27.11 -4.02
N PRO B 430 -7.15 -27.93 -3.42
CA PRO B 430 -6.11 -28.60 -4.20
C PRO B 430 -6.71 -29.50 -5.27
N LEU B 431 -6.07 -29.50 -6.44
CA LEU B 431 -6.42 -30.38 -7.55
C LEU B 431 -6.26 -31.84 -7.10
N ASP B 432 -5.08 -32.17 -6.57
CA ASP B 432 -4.81 -33.51 -6.03
C ASP B 432 -5.17 -33.61 -4.54
N PRO B 433 -5.65 -34.79 -4.10
CA PRO B 433 -6.17 -34.98 -2.75
C PRO B 433 -5.14 -34.91 -1.61
N VAL B 434 -3.95 -34.40 -1.91
CA VAL B 434 -2.86 -34.25 -0.93
C VAL B 434 -2.43 -35.56 -0.27
N LEU B 435 -2.19 -36.57 -1.09
CA LEU B 435 -1.76 -37.87 -0.63
C LEU B 435 -0.39 -37.78 0.03
N CYS B 436 -0.32 -38.21 1.28
CA CYS B 436 0.88 -38.13 2.06
C CYS B 436 1.12 -39.48 2.73
N THR B 437 2.40 -39.79 2.94
CA THR B 437 2.79 -40.82 3.88
C THR B 437 3.33 -40.08 5.11
N LEU B 438 3.27 -40.75 6.24
CA LEU B 438 3.37 -40.10 7.54
C LEU B 438 4.36 -40.83 8.45
N ARG B 439 5.02 -40.08 9.33
CA ARG B 439 5.89 -40.64 10.36
C ARG B 439 5.62 -39.86 11.64
N PRO B 440 5.86 -40.49 12.79
CA PRO B 440 5.82 -39.76 14.07
C PRO B 440 6.93 -38.72 14.03
N ARG B 441 6.73 -37.59 14.70
CA ARG B 441 7.72 -36.53 14.69
C ARG B 441 8.92 -36.93 15.54
CHA HEM C . 6.87 22.67 -7.31
CHB HEM C . 9.81 19.53 -4.91
CHC HEM C . 13.40 20.69 -7.98
CHD HEM C . 10.41 23.91 -10.22
C1A HEM C . 7.37 21.53 -6.47
C2A HEM C . 6.54 20.82 -5.48
C3A HEM C . 7.35 19.99 -4.84
C4A HEM C . 8.69 20.03 -5.49
CMA HEM C . 6.97 19.09 -3.65
CAA HEM C . 5.12 21.25 -5.13
CBA HEM C . 5.25 22.48 -4.20
CGA HEM C . 3.88 22.93 -3.67
O1A HEM C . 3.77 24.04 -3.15
O2A HEM C . 2.81 22.18 -3.73
C1B HEM C . 11.16 19.65 -5.51
C2B HEM C . 12.19 18.86 -5.17
C3B HEM C . 13.29 19.21 -6.08
C4B HEM C . 12.67 20.13 -7.04
CMB HEM C . 12.41 18.09 -3.88
CAB HEM C . 14.59 18.89 -6.07
CBB HEM C . 15.15 17.61 -5.57
C1C HEM C . 12.93 21.68 -8.95
C2C HEM C . 13.72 22.34 -9.81
C3C HEM C . 12.73 23.12 -10.58
C4C HEM C . 11.63 23.16 -9.81
CMC HEM C . 15.11 21.90 -10.31
CAC HEM C . 13.04 23.99 -11.77
CBC HEM C . 14.03 23.66 -12.59
C1D HEM C . 9.23 23.77 -9.61
C2D HEM C . 8.20 24.84 -9.68
C3D HEM C . 7.12 24.31 -9.11
C4D HEM C . 7.59 23.16 -8.31
CMD HEM C . 8.24 25.95 -10.69
CAD HEM C . 5.66 24.62 -9.43
CBD HEM C . 4.99 23.49 -10.19
CGD HEM C . 3.57 23.87 -10.60
O1D HEM C . 2.64 23.81 -9.82
O2D HEM C . 3.29 24.22 -11.84
NA HEM C . 8.68 20.92 -6.48
NB HEM C . 11.46 20.50 -6.55
NC HEM C . 11.67 22.15 -8.94
ND HEM C . 8.92 23.05 -8.51
FE HEM C . 10.17 21.76 -7.59
N1 GJZ D . 10.64 23.60 -6.39
C2 GJZ D . 9.73 24.79 -4.44
C3 GJZ D . 10.52 23.63 -4.94
C4 GJZ D . 9.35 23.39 -4.04
C5 GJZ D . 10.10 25.88 -3.50
C6 GJZ D . 11.38 26.10 -3.02
C7 GJZ D . 9.10 26.80 -3.20
C8 GJZ D . 11.65 27.20 -2.18
C9 GJZ D . 9.36 27.90 -2.37
C10 GJZ D . 10.64 28.11 -1.85
CHA HEM E . -18.75 -15.39 4.75
CHB HEM E . -14.20 -17.14 3.87
CHC HEM E . -14.77 -20.25 7.59
CHD HEM E . -19.49 -18.77 7.97
C1A HEM E . -17.40 -15.67 4.12
C2A HEM E . -16.81 -14.86 3.03
C3A HEM E . -15.61 -15.37 2.78
C4A HEM E . -15.36 -16.51 3.72
CMA HEM E . -14.62 -14.75 1.81
CAA HEM E . -17.61 -13.91 2.20
CBA HEM E . -18.39 -14.70 1.16
CGA HEM E . -19.10 -13.72 0.21
O1A HEM E . -19.93 -14.15 -0.55
O2A HEM E . -18.87 -12.39 0.16
C1B HEM E . -13.87 -18.06 5.01
C2B HEM E . -12.74 -18.76 5.04
C3B HEM E . -12.86 -19.71 6.14
C4B HEM E . -14.22 -19.49 6.66
CMB HEM E . -11.54 -18.66 4.11
CAB HEM E . -12.04 -20.71 6.48
CBB HEM E . -10.55 -20.54 6.73
C1C HEM E . -16.08 -19.97 8.23
C2C HEM E . -16.65 -20.76 9.16
C3C HEM E . -18.01 -20.20 9.29
C4C HEM E . -18.22 -19.49 8.18
CMC HEM E . -16.01 -21.78 10.11
CAC HEM E . -19.05 -20.62 10.29
CBC HEM E . -18.68 -21.04 11.50
C1D HEM E . -19.64 -17.81 7.08
C2D HEM E . -20.98 -17.35 6.65
C3D HEM E . -20.77 -16.29 5.85
C4D HEM E . -19.30 -16.24 5.61
CMD HEM E . -22.26 -17.76 7.34
CAD HEM E . -21.76 -15.18 5.52
CBD HEM E . -21.42 -13.87 6.25
CGD HEM E . -22.48 -12.80 6.01
O1D HEM E . -22.57 -12.21 4.95
O2D HEM E . -23.34 -12.42 6.94
NA HEM E . -16.47 -16.75 4.43
NB HEM E . -14.75 -18.46 5.98
NC HEM E . -17.03 -19.22 7.60
ND HEM E . -18.75 -17.33 6.19
FE HEM E . -16.75 -17.76 6.17
N1 GJZ F . -17.52 -19.23 4.65
C2 GJZ F . -18.51 -19.77 2.26
C3 GJZ F . -17.53 -19.93 3.38
C4 GJZ F . -17.18 -19.12 2.16
C5 GJZ F . -19.02 -20.87 1.39
C6 GJZ F . -18.47 -22.14 1.29
C7 GJZ F . -20.13 -20.54 0.61
C8 GJZ F . -19.03 -23.09 0.43
C9 GJZ F . -20.71 -21.47 -0.26
C10 GJZ F . -20.15 -22.75 -0.35
#